data_4R81
#
_entry.id   4R81
#
_cell.length_a   56.998
_cell.length_b   94.686
_cell.length_c   72.126
_cell.angle_alpha   90.00
_cell.angle_beta   93.34
_cell.angle_gamma   90.00
#
_symmetry.space_group_name_H-M   'P 1 21 1'
#
loop_
_entity.id
_entity.type
_entity.pdbx_description
1 polymer 'NADH dehydrogenase'
2 non-polymer 'FLAVIN MONONUCLEOTIDE'
3 water water
#
_entity_poly.entity_id   1
_entity_poly.type   'polypeptide(L)'
_entity_poly.pdbx_seq_one_letter_code
;MASMHVYILFAHPSRKSFSREVLEAFTEGLSEAGHTYEVGDLYRMNFRSELSQEEYLREISQEAGSPLPEDVMEEHERIG
RADALAFIYPLWWSDCPAKLKGWFDRVWTYGYAYFYEDGERGTRIDIEKAVVLCSAGHTEEDLEGTGIAESMRSVMLGDR
LLGVGVKNVTMEILGGMVPGDDSCREINLMRARRAGRNLEHHHHHH
;
_entity_poly.pdbx_strand_id   A,B,C,D
#
loop_
_chem_comp.id
_chem_comp.type
_chem_comp.name
_chem_comp.formula
FMN non-polymer 'FLAVIN MONONUCLEOTIDE' 'C17 H21 N4 O9 P'
#
# COMPACT_ATOMS: atom_id res chain seq x y z
N ALA A 2 27.27 37.92 35.48
CA ALA A 2 27.37 38.69 34.26
C ALA A 2 26.08 38.63 33.47
N SER A 3 25.77 39.70 32.74
CA SER A 3 24.61 39.73 31.87
C SER A 3 24.72 38.67 30.80
N MET A 4 23.64 37.91 30.60
CA MET A 4 23.60 36.91 29.57
C MET A 4 22.55 37.24 28.53
N HIS A 5 22.79 36.82 27.30
CA HIS A 5 21.80 36.97 26.25
C HIS A 5 21.11 35.63 26.01
N VAL A 6 19.78 35.66 25.98
CA VAL A 6 19.01 34.44 25.79
C VAL A 6 18.27 34.46 24.46
N TYR A 7 18.40 33.38 23.69
CA TYR A 7 17.52 33.20 22.52
C TYR A 7 16.38 32.29 22.96
N ILE A 8 15.17 32.83 22.88
CA ILE A 8 13.98 32.19 23.41
C ILE A 8 13.10 31.68 22.28
N LEU A 9 12.97 30.36 22.19
CA LEU A 9 12.09 29.75 21.22
C LEU A 9 10.70 29.65 21.84
N PHE A 10 9.73 30.26 21.18
CA PHE A 10 8.37 30.29 21.68
C PHE A 10 7.46 29.60 20.67
N ALA A 11 6.71 28.61 21.13
CA ALA A 11 5.88 27.80 20.26
C ALA A 11 4.42 27.75 20.70
N HIS A 12 3.58 28.60 20.11
CA HIS A 12 2.14 28.57 20.38
C HIS A 12 1.39 29.35 19.29
N PRO A 13 0.29 28.77 18.77
CA PRO A 13 -0.41 29.45 17.68
C PRO A 13 -1.20 30.69 18.11
N SER A 14 -1.56 30.78 19.38
CA SER A 14 -2.55 31.77 19.77
C SER A 14 -1.92 33.08 20.21
N ARG A 15 -2.55 34.19 19.81
CA ARG A 15 -2.13 35.53 20.22
C ARG A 15 -2.17 35.64 21.75
N LYS A 16 -3.17 35.00 22.34
CA LYS A 16 -3.32 35.00 23.79
C LYS A 16 -3.44 33.57 24.30
N SER A 17 -2.56 33.21 25.24
CA SER A 17 -2.57 31.89 25.85
C SER A 17 -1.76 32.01 27.13
N PHE A 18 -1.81 30.98 27.95
CA PHE A 18 -1.00 31.01 29.17
C PHE A 18 0.48 31.04 28.81
N SER A 19 0.86 30.33 27.75
CA SER A 19 2.26 30.27 27.35
C SER A 19 2.80 31.69 27.05
N ARG A 20 1.96 32.53 26.47
CA ARG A 20 2.34 33.92 26.20
C ARG A 20 2.61 34.69 27.50
N GLU A 21 1.79 34.44 28.53
CA GLU A 21 2.02 35.07 29.82
C GLU A 21 3.29 34.52 30.46
N VAL A 22 3.57 33.24 30.22
CA VAL A 22 4.80 32.62 30.70
C VAL A 22 6.01 33.31 30.08
N LEU A 23 5.93 33.58 28.77
CA LEU A 23 6.98 34.32 28.09
C LEU A 23 7.17 35.70 28.72
N GLU A 24 6.05 36.38 28.98
CA GLU A 24 6.12 37.71 29.58
C GLU A 24 6.75 37.66 30.96
N ALA A 25 6.39 36.65 31.74
CA ALA A 25 6.92 36.53 33.11
C ALA A 25 8.42 36.24 33.07
N PHE A 26 8.82 35.32 32.20
CA PHE A 26 10.22 34.96 32.01
C PHE A 26 11.06 36.17 31.58
N THR A 27 10.57 36.92 30.60
CA THR A 27 11.31 38.08 30.14
C THR A 27 11.42 39.17 31.22
N GLU A 28 10.39 39.30 32.05
CA GLU A 28 10.42 40.23 33.17
C GLU A 28 11.55 39.87 34.13
N GLY A 29 11.67 38.58 34.44
CA GLY A 29 12.76 38.12 35.29
C GLY A 29 14.13 38.35 34.66
N LEU A 30 14.26 38.04 33.37
CA LEU A 30 15.51 38.30 32.66
C LEU A 30 15.91 39.76 32.77
N SER A 31 14.97 40.66 32.51
CA SER A 31 15.27 42.09 32.57
C SER A 31 15.61 42.53 33.98
N GLU A 32 14.90 41.99 34.97
CA GLU A 32 15.18 42.27 36.39
C GLU A 32 16.64 41.99 36.70
N ALA A 33 17.16 40.89 36.14
CA ALA A 33 18.51 40.42 36.44
C ALA A 33 19.57 41.01 35.53
N GLY A 34 19.17 41.87 34.61
CA GLY A 34 20.12 42.53 33.72
C GLY A 34 20.45 41.74 32.47
N HIS A 35 19.73 40.65 32.23
CA HIS A 35 19.95 39.83 31.05
C HIS A 35 19.25 40.42 29.83
N THR A 36 19.66 39.99 28.65
CA THR A 36 19.00 40.42 27.41
C THR A 36 18.42 39.23 26.67
N TYR A 37 17.60 39.48 25.66
CA TYR A 37 16.96 38.36 24.97
C TYR A 37 16.45 38.71 23.56
N GLU A 38 16.24 37.65 22.77
CA GLU A 38 15.56 37.75 21.49
C GLU A 38 14.55 36.62 21.45
N VAL A 39 13.32 36.92 21.04
CA VAL A 39 12.28 35.89 20.94
C VAL A 39 12.09 35.42 19.51
N GLY A 40 12.18 34.10 19.34
CA GLY A 40 11.81 33.46 18.09
C GLY A 40 10.43 32.88 18.23
N ASP A 41 9.42 33.63 17.80
CA ASP A 41 8.02 33.22 17.87
C ASP A 41 7.75 32.42 16.60
N LEU A 42 7.91 31.10 16.71
CA LEU A 42 7.95 30.24 15.53
C LEU A 42 6.68 30.33 14.67
N TYR A 43 5.53 30.47 15.30
CA TYR A 43 4.29 30.61 14.54
C TYR A 43 4.24 31.95 13.80
N ARG A 44 4.61 33.03 14.47
CA ARG A 44 4.64 34.34 13.84
CA ARG A 44 4.67 34.35 13.85
C ARG A 44 5.65 34.38 12.70
N MET A 45 6.71 33.61 12.83
CA MET A 45 7.77 33.57 11.82
C MET A 45 7.37 32.77 10.60
N ASN A 46 6.22 32.11 10.65
CA ASN A 46 5.83 31.15 9.61
C ASN A 46 6.93 30.09 9.42
N PHE A 47 7.54 29.68 10.51
CA PHE A 47 8.67 28.76 10.44
C PHE A 47 8.27 27.41 9.88
N ARG A 48 9.00 26.99 8.85
CA ARG A 48 8.73 25.71 8.20
C ARG A 48 9.18 24.60 9.13
N SER A 49 8.26 23.75 9.55
CA SER A 49 8.60 22.74 10.53
C SER A 49 8.94 21.37 9.93
N GLU A 50 8.62 21.15 8.65
CA GLU A 50 8.90 19.85 8.03
C GLU A 50 10.30 19.77 7.45
N LEU A 51 11.09 18.80 7.92
CA LEU A 51 12.35 18.49 7.25
C LEU A 51 12.01 17.99 5.85
N SER A 52 12.49 18.70 4.83
CA SER A 52 12.20 18.34 3.44
C SER A 52 13.08 17.19 2.95
N GLN A 53 12.72 16.65 1.78
CA GLN A 53 13.52 15.59 1.17
C GLN A 53 14.96 16.06 0.94
N GLU A 54 15.12 17.29 0.47
CA GLU A 54 16.44 17.84 0.19
C GLU A 54 17.28 17.99 1.45
N GLU A 55 16.66 18.47 2.53
CA GLU A 55 17.35 18.59 3.80
C GLU A 55 17.70 17.21 4.36
N TYR A 56 16.77 16.28 4.24
CA TYR A 56 16.98 14.91 4.69
C TYR A 56 18.22 14.31 4.05
N LEU A 57 18.31 14.42 2.72
CA LEU A 57 19.46 13.87 2.02
C LEU A 57 20.76 14.48 2.52
N ARG A 58 20.72 15.77 2.80
CA ARG A 58 21.89 16.50 3.29
C ARG A 58 22.31 15.96 4.65
N GLU A 59 21.34 15.77 5.54
CA GLU A 59 21.61 15.26 6.88
C GLU A 59 22.16 13.83 6.87
N ILE A 60 21.56 12.96 6.04
CA ILE A 60 22.01 11.58 5.94
C ILE A 60 23.43 11.47 5.36
N SER A 61 23.78 12.41 4.49
CA SER A 61 25.09 12.41 3.84
C SER A 61 26.21 12.60 4.87
N GLN A 62 25.89 13.32 5.95
CA GLN A 62 26.83 13.58 7.03
C GLN A 62 28.09 14.28 6.52
N GLU A 63 27.86 15.38 5.82
CA GLU A 63 28.92 16.28 5.38
C GLU A 63 28.74 17.60 6.12
N ALA A 64 29.66 17.90 7.02
CA ALA A 64 29.53 19.08 7.88
C ALA A 64 29.53 20.41 7.10
N GLY A 65 30.16 20.40 5.93
CA GLY A 65 30.33 21.63 5.17
C GLY A 65 29.28 21.88 4.11
N SER A 66 28.31 20.98 4.00
CA SER A 66 27.25 21.09 2.99
C SER A 66 26.28 22.24 3.31
N PRO A 67 25.65 22.81 2.27
CA PRO A 67 24.76 23.98 2.40
C PRO A 67 23.58 23.78 3.35
N LEU A 68 23.17 24.86 4.00
CA LEU A 68 21.99 24.86 4.86
C LEU A 68 20.99 25.89 4.34
N PRO A 69 19.69 25.61 4.52
CA PRO A 69 18.63 26.56 4.14
C PRO A 69 18.81 27.89 4.86
N GLU A 70 18.38 28.99 4.24
CA GLU A 70 18.57 30.31 4.82
C GLU A 70 17.90 30.47 6.19
N ASP A 71 16.74 29.85 6.38
CA ASP A 71 16.04 30.01 7.65
C ASP A 71 16.78 29.32 8.79
N VAL A 72 17.39 28.18 8.46
CA VAL A 72 18.21 27.45 9.43
C VAL A 72 19.48 28.24 9.76
N MET A 73 20.11 28.83 8.74
CA MET A 73 21.30 29.66 8.94
C MET A 73 21.00 30.83 9.90
N GLU A 74 19.83 31.43 9.73
CA GLU A 74 19.40 32.53 10.60
C GLU A 74 19.23 32.07 12.04
N GLU A 75 18.69 30.86 12.23
CA GLU A 75 18.54 30.33 13.59
C GLU A 75 19.91 30.12 14.22
N HIS A 76 20.87 29.62 13.45
CA HIS A 76 22.21 29.41 13.96
C HIS A 76 22.88 30.73 14.35
N GLU A 77 22.62 31.79 13.59
CA GLU A 77 23.12 33.12 13.97
C GLU A 77 22.52 33.61 15.27
N ARG A 78 21.20 33.43 15.43
CA ARG A 78 20.51 33.81 16.65
C ARG A 78 21.06 33.07 17.87
N ILE A 79 21.26 31.76 17.72
CA ILE A 79 21.87 30.96 18.79
C ILE A 79 23.30 31.42 19.06
N GLY A 80 24.02 31.76 18.00
CA GLY A 80 25.40 32.21 18.13
C GLY A 80 25.56 33.46 18.99
N ARG A 81 24.55 34.34 18.96
CA ARG A 81 24.59 35.58 19.73
C ARG A 81 24.29 35.34 21.21
N ALA A 82 23.79 34.14 21.51
CA ALA A 82 23.26 33.84 22.84
C ALA A 82 24.24 33.12 23.76
N ASP A 83 24.07 33.33 25.06
CA ASP A 83 24.77 32.58 26.08
C ASP A 83 23.86 31.49 26.61
N ALA A 84 22.55 31.66 26.38
CA ALA A 84 21.55 30.75 26.91
C ALA A 84 20.41 30.58 25.92
N LEU A 85 19.72 29.45 25.99
CA LEU A 85 18.51 29.24 25.20
C LEU A 85 17.36 29.02 26.15
N ALA A 86 16.16 29.34 25.68
CA ALA A 86 14.96 28.99 26.44
C ALA A 86 13.92 28.45 25.48
N PHE A 87 13.10 27.54 25.99
CA PHE A 87 12.04 26.93 25.20
C PHE A 87 10.76 27.03 25.99
N ILE A 88 9.77 27.70 25.40
CA ILE A 88 8.51 27.98 26.07
C ILE A 88 7.38 27.48 25.19
N TYR A 89 6.61 26.52 25.71
CA TYR A 89 5.60 25.83 24.91
C TYR A 89 4.60 25.10 25.80
N PRO A 90 3.40 24.82 25.28
CA PRO A 90 2.47 23.94 25.97
C PRO A 90 2.75 22.47 25.69
N LEU A 91 2.48 21.63 26.68
CA LEU A 91 2.64 20.19 26.55
C LEU A 91 1.49 19.65 25.72
N TRP A 92 1.80 19.09 24.56
CA TRP A 92 0.79 18.49 23.67
C TRP A 92 1.17 17.04 23.40
N TRP A 93 0.33 16.11 23.85
CA TRP A 93 0.62 14.67 23.68
C TRP A 93 2.02 14.32 24.16
N SER A 94 2.34 14.89 25.32
CA SER A 94 3.54 14.57 26.08
C SER A 94 4.86 14.94 25.40
N ASP A 95 4.82 15.86 24.45
CA ASP A 95 6.04 16.43 23.89
C ASP A 95 5.70 17.84 23.39
N CYS A 96 6.68 18.53 22.81
CA CYS A 96 6.39 19.86 22.35
CA CYS A 96 6.53 19.85 22.20
C CYS A 96 5.48 19.89 21.10
N PRO A 97 4.88 21.05 20.83
CA PRO A 97 4.07 21.20 19.62
C PRO A 97 4.90 20.81 18.40
N ALA A 98 4.23 20.30 17.38
CA ALA A 98 4.91 19.91 16.14
C ALA A 98 5.81 21.02 15.60
N LYS A 99 5.37 22.27 15.75
CA LYS A 99 6.15 23.42 15.28
C LYS A 99 7.54 23.46 15.91
N LEU A 100 7.63 23.19 17.21
CA LEU A 100 8.91 23.20 17.89
C LEU A 100 9.69 21.92 17.60
N LYS A 101 8.99 20.79 17.50
CA LYS A 101 9.65 19.53 17.17
C LYS A 101 10.37 19.69 15.83
N GLY A 102 9.71 20.37 14.90
CA GLY A 102 10.27 20.56 13.58
C GLY A 102 11.47 21.49 13.60
N TRP A 103 11.48 22.41 14.56
CA TRP A 103 12.64 23.26 14.76
C TRP A 103 13.86 22.39 15.12
N PHE A 104 13.70 21.44 16.03
CA PHE A 104 14.81 20.53 16.33
C PHE A 104 15.20 19.74 15.08
N ASP A 105 14.23 19.16 14.39
CA ASP A 105 14.49 18.33 13.21
C ASP A 105 15.34 19.08 12.18
N ARG A 106 15.01 20.36 11.98
CA ARG A 106 15.61 21.16 10.93
C ARG A 106 16.83 21.98 11.35
N VAL A 107 16.89 22.34 12.63
CA VAL A 107 17.93 23.27 13.08
C VAL A 107 19.11 22.54 13.71
N TRP A 108 18.85 21.38 14.31
CA TRP A 108 19.93 20.60 14.90
C TRP A 108 20.62 19.77 13.79
N THR A 109 21.43 20.44 12.97
CA THR A 109 21.97 19.83 11.76
C THR A 109 23.31 19.15 11.95
N TYR A 110 23.60 18.19 11.07
CA TYR A 110 24.89 17.52 11.12
C TYR A 110 25.99 18.52 10.85
N GLY A 111 27.03 18.48 11.68
CA GLY A 111 28.14 19.41 11.56
C GLY A 111 27.99 20.61 12.48
N TYR A 112 26.79 20.77 13.04
CA TYR A 112 26.49 21.87 13.96
C TYR A 112 26.11 21.35 15.34
N ALA A 113 24.99 20.64 15.43
CA ALA A 113 24.50 20.11 16.71
C ALA A 113 25.16 18.79 17.10
N TYR A 114 25.66 18.06 16.10
CA TYR A 114 26.32 16.80 16.34
C TYR A 114 27.16 16.42 15.15
N PHE A 115 28.25 15.69 15.40
CA PHE A 115 29.03 15.07 14.33
C PHE A 115 29.97 14.03 14.90
N GLY A 122 31.09 15.37 18.93
CA GLY A 122 31.45 16.78 18.92
C GLY A 122 30.25 17.66 18.63
N THR A 123 30.41 18.96 18.88
CA THR A 123 29.34 19.92 18.64
C THR A 123 29.92 21.31 18.41
N ARG A 124 29.17 22.16 17.72
CA ARG A 124 29.59 23.55 17.52
C ARG A 124 28.77 24.47 18.42
N ILE A 125 27.74 23.92 19.06
CA ILE A 125 26.88 24.72 19.90
C ILE A 125 27.60 25.18 21.17
N ASP A 126 27.59 26.48 21.41
CA ASP A 126 28.27 27.06 22.56
C ASP A 126 27.26 27.79 23.46
N ILE A 127 26.60 27.02 24.31
CA ILE A 127 25.50 27.53 25.13
C ILE A 127 25.67 27.06 26.56
N GLU A 128 25.71 28.01 27.49
CA GLU A 128 25.99 27.71 28.89
C GLU A 128 24.78 27.08 29.60
N LYS A 129 23.58 27.52 29.24
CA LYS A 129 22.37 27.08 29.91
C LYS A 129 21.14 27.10 29.00
N ALA A 130 20.30 26.07 29.14
CA ALA A 130 19.00 26.08 28.51
C ALA A 130 17.92 25.91 29.58
N VAL A 131 16.86 26.71 29.46
CA VAL A 131 15.72 26.66 30.37
C VAL A 131 14.48 26.24 29.59
N VAL A 132 13.78 25.21 30.07
CA VAL A 132 12.54 24.78 29.44
C VAL A 132 11.38 25.12 30.35
N LEU A 133 10.43 25.90 29.84
CA LEU A 133 9.23 26.25 30.59
C LEU A 133 8.04 25.64 29.87
N CYS A 134 7.57 24.52 30.40
CA CYS A 134 6.54 23.74 29.74
C CYS A 134 5.24 23.79 30.53
N SER A 135 4.20 24.35 29.91
CA SER A 135 2.90 24.44 30.56
CA SER A 135 2.91 24.44 30.56
C SER A 135 2.11 23.17 30.29
N ALA A 136 1.48 22.60 31.31
CA ALA A 136 0.77 21.34 31.14
C ALA A 136 -0.58 21.36 31.83
N GLY A 137 -1.55 20.64 31.25
CA GLY A 137 -2.83 20.47 31.89
C GLY A 137 -2.72 19.64 33.16
N HIS A 138 -2.00 18.52 33.06
CA HIS A 138 -1.75 17.69 34.24
C HIS A 138 -0.85 18.43 35.23
N THR A 139 -0.96 18.08 36.50
CA THR A 139 -0.03 18.62 37.48
C THR A 139 1.31 17.92 37.31
N GLU A 140 2.38 18.58 37.76
CA GLU A 140 3.70 17.99 37.69
C GLU A 140 3.71 16.72 38.54
N GLU A 141 2.94 16.73 39.61
CA GLU A 141 2.82 15.57 40.48
C GLU A 141 2.29 14.35 39.73
N ASP A 142 1.22 14.55 38.95
CA ASP A 142 0.64 13.47 38.17
C ASP A 142 1.59 13.02 37.06
N LEU A 143 2.28 13.96 36.45
CA LEU A 143 3.26 13.62 35.41
C LEU A 143 4.49 12.90 35.96
N GLU A 144 4.93 13.29 37.16
CA GLU A 144 6.03 12.58 37.83
C GLU A 144 5.56 11.18 38.16
N GLY A 145 4.32 11.07 38.62
CA GLY A 145 3.78 9.79 39.04
C GLY A 145 3.65 8.80 37.90
N THR A 146 3.25 9.28 36.71
CA THR A 146 3.02 8.38 35.57
C THR A 146 4.26 8.03 34.75
N GLY A 147 5.36 8.77 34.94
CA GLY A 147 6.55 8.51 34.15
C GLY A 147 6.71 9.47 32.97
N ILE A 148 5.72 10.31 32.74
CA ILE A 148 5.80 11.28 31.64
C ILE A 148 6.86 12.37 31.91
N ALA A 149 6.91 12.88 33.14
CA ALA A 149 7.92 13.90 33.47
C ALA A 149 9.34 13.38 33.21
N GLU A 150 9.61 12.14 33.61
CA GLU A 150 10.90 11.52 33.40
C GLU A 150 11.20 11.34 31.91
N SER A 151 10.19 10.95 31.14
CA SER A 151 10.33 10.79 29.71
C SER A 151 10.72 12.12 29.10
N MET A 152 10.05 13.18 29.54
CA MET A 152 10.31 14.49 28.98
C MET A 152 11.69 14.99 29.33
N ARG A 153 12.16 14.67 30.53
CA ARG A 153 13.53 15.00 30.89
C ARG A 153 14.53 14.24 30.01
N SER A 154 14.30 12.95 29.79
CA SER A 154 15.17 12.13 28.95
C SER A 154 15.26 12.65 27.52
N VAL A 155 14.11 13.06 26.99
CA VAL A 155 14.01 13.48 25.61
C VAL A 155 14.48 14.92 25.40
N MET A 156 13.90 15.85 26.14
CA MET A 156 14.17 17.26 25.92
C MET A 156 15.49 17.67 26.56
N LEU A 157 15.65 17.38 27.84
CA LEU A 157 16.88 17.77 28.54
C LEU A 157 18.06 16.89 28.10
N GLY A 158 17.83 15.58 28.06
CA GLY A 158 18.90 14.65 27.74
C GLY A 158 19.35 14.72 26.29
N ASP A 159 18.51 14.23 25.39
CA ASP A 159 18.91 14.10 23.99
C ASP A 159 18.99 15.45 23.27
N ARG A 160 17.96 16.27 23.40
CA ARG A 160 17.87 17.46 22.57
C ARG A 160 18.70 18.64 23.07
N LEU A 161 19.13 18.62 24.32
CA LEU A 161 19.86 19.76 24.86
C LEU A 161 21.25 19.37 25.36
N LEU A 162 21.34 18.62 26.44
CA LEU A 162 22.63 18.12 26.89
C LEU A 162 23.31 17.32 25.77
N GLY A 163 22.51 16.61 24.98
CA GLY A 163 23.03 15.74 23.93
C GLY A 163 23.68 16.46 22.77
N VAL A 164 23.43 17.76 22.66
CA VAL A 164 24.01 18.56 21.58
C VAL A 164 25.02 19.58 22.12
N GLY A 165 25.37 19.45 23.39
CA GLY A 165 26.43 20.25 23.96
C GLY A 165 26.05 21.37 24.91
N VAL A 166 24.76 21.62 25.10
CA VAL A 166 24.34 22.60 26.10
C VAL A 166 24.92 22.20 27.46
N LYS A 167 25.55 23.14 28.17
CA LYS A 167 26.34 22.76 29.34
C LYS A 167 25.52 22.49 30.60
N ASN A 168 24.39 23.18 30.73
CA ASN A 168 23.54 23.10 31.91
C ASN A 168 22.10 23.25 31.48
N VAL A 169 21.21 22.44 32.05
CA VAL A 169 19.78 22.49 31.69
C VAL A 169 18.85 22.45 32.90
N THR A 170 17.72 23.15 32.77
CA THR A 170 16.67 23.18 33.78
C THR A 170 15.33 23.05 33.08
N MET A 171 14.41 22.28 33.65
CA MET A 171 13.04 22.22 33.14
C MET A 171 12.04 22.52 34.25
N GLU A 172 11.09 23.38 33.97
CA GLU A 172 10.01 23.68 34.89
C GLU A 172 8.71 23.20 34.28
N ILE A 173 8.07 22.23 34.92
CA ILE A 173 6.74 21.82 34.46
C ILE A 173 5.71 22.69 35.16
N LEU A 174 5.12 23.60 34.40
CA LEU A 174 4.11 24.51 34.93
C LEU A 174 2.74 23.86 34.75
N GLY A 175 2.37 23.01 35.70
CA GLY A 175 1.21 22.16 35.53
C GLY A 175 -0.07 22.67 36.16
N GLY A 176 -1.17 21.97 35.90
CA GLY A 176 -2.46 22.30 36.47
C GLY A 176 -3.28 23.25 35.61
N MET A 177 -2.81 23.51 34.40
CA MET A 177 -3.47 24.47 33.52
C MET A 177 -4.53 23.80 32.67
N VAL A 178 -5.61 23.38 33.33
CA VAL A 178 -6.75 22.81 32.61
C VAL A 178 -7.71 23.94 32.26
N PRO A 179 -8.43 23.80 31.14
CA PRO A 179 -9.36 24.83 30.68
C PRO A 179 -10.37 25.24 31.75
N GLY A 180 -10.50 26.55 31.99
CA GLY A 180 -11.48 27.05 32.93
C GLY A 180 -10.98 27.14 34.36
N ASP A 181 -9.75 26.68 34.59
CA ASP A 181 -9.17 26.68 35.93
C ASP A 181 -7.92 27.56 35.98
N ASP A 182 -8.00 28.66 36.72
CA ASP A 182 -6.87 29.57 36.88
C ASP A 182 -6.14 29.35 38.20
N SER A 183 -6.44 28.24 38.89
CA SER A 183 -5.92 28.02 40.24
C SER A 183 -4.39 27.95 40.36
N CYS A 184 -3.71 27.49 39.30
CA CYS A 184 -2.26 27.38 39.33
C CYS A 184 -1.57 28.49 38.55
N ARG A 185 -2.36 29.41 38.02
CA ARG A 185 -1.82 30.43 37.13
C ARG A 185 -0.79 31.35 37.80
N GLU A 186 -1.13 31.91 38.95
CA GLU A 186 -0.24 32.87 39.59
C GLU A 186 1.06 32.25 40.07
N ILE A 187 0.98 31.05 40.61
CA ILE A 187 2.16 30.39 41.12
C ILE A 187 3.09 29.99 39.97
N ASN A 188 2.51 29.57 38.87
CA ASN A 188 3.32 29.19 37.71
C ASN A 188 4.03 30.39 37.06
N LEU A 189 3.36 31.54 37.05
CA LEU A 189 3.98 32.77 36.53
C LEU A 189 5.09 33.23 37.47
N MET A 190 4.92 33.00 38.76
CA MET A 190 5.96 33.31 39.72
C MET A 190 7.20 32.47 39.43
N ARG A 191 6.98 31.19 39.12
CA ARG A 191 8.08 30.28 38.80
C ARG A 191 8.78 30.71 37.51
N ALA A 192 8.00 31.09 36.51
CA ALA A 192 8.57 31.53 35.24
C ALA A 192 9.44 32.77 35.43
N ARG A 193 8.94 33.72 36.20
CA ARG A 193 9.69 34.95 36.46
C ARG A 193 10.98 34.62 37.20
N ARG A 194 10.88 33.73 38.18
CA ARG A 194 12.03 33.32 38.98
C ARG A 194 13.10 32.68 38.10
N ALA A 195 12.67 31.90 37.11
CA ALA A 195 13.59 31.21 36.23
C ALA A 195 14.42 32.20 35.41
N GLY A 196 13.80 33.33 35.06
CA GLY A 196 14.49 34.39 34.35
C GLY A 196 15.46 35.12 35.25
N ARG A 197 14.98 35.48 36.44
CA ARG A 197 15.80 36.20 37.43
C ARG A 197 17.00 35.35 37.85
N ASN A 198 16.82 34.04 37.92
CA ASN A 198 17.87 33.17 38.44
C ASN A 198 18.67 32.47 37.35
N LEU A 199 18.64 33.03 36.15
CA LEU A 199 19.27 32.41 34.99
C LEU A 199 20.75 32.10 35.19
N GLU A 200 21.46 33.00 35.86
CA GLU A 200 22.89 32.85 36.08
C GLU A 200 23.24 31.73 37.05
N HIS A 201 22.29 31.31 37.86
CA HIS A 201 22.58 30.30 38.89
C HIS A 201 22.97 28.97 38.27
N HIS A 202 24.05 28.40 38.79
CA HIS A 202 24.72 27.28 38.18
C HIS A 202 25.47 26.55 39.29
N HIS A 203 25.71 25.26 39.13
CA HIS A 203 26.50 24.55 40.11
C HIS A 203 28.00 24.70 39.77
N HIS A 204 28.85 24.60 40.80
CA HIS A 204 30.29 24.77 40.64
C HIS A 204 30.94 23.81 41.63
N HIS A 205 32.22 23.50 41.44
CA HIS A 205 32.90 22.63 42.42
C HIS A 205 32.94 23.32 43.77
N HIS A 206 32.74 22.55 44.84
CA HIS A 206 32.63 23.11 46.19
C HIS A 206 33.79 24.03 46.54
N ALA B 2 -9.61 -13.78 11.58
CA ALA B 2 -10.45 -12.95 10.72
C ALA B 2 -9.67 -11.75 10.19
N SER B 3 -9.97 -11.38 8.95
CA SER B 3 -9.27 -10.29 8.28
C SER B 3 -9.47 -8.96 9.00
N MET B 4 -8.37 -8.28 9.26
CA MET B 4 -8.41 -6.95 9.86
C MET B 4 -7.98 -5.92 8.83
N HIS B 5 -8.41 -4.68 9.03
CA HIS B 5 -8.07 -3.59 8.15
C HIS B 5 -7.26 -2.59 8.97
N VAL B 6 -6.06 -2.26 8.48
CA VAL B 6 -5.16 -1.36 9.21
C VAL B 6 -5.06 0.00 8.54
N TYR B 7 -5.17 1.07 9.32
CA TYR B 7 -4.80 2.39 8.80
C TYR B 7 -3.36 2.66 9.25
N ILE B 8 -2.46 2.81 8.28
CA ILE B 8 -1.04 2.96 8.54
C ILE B 8 -0.64 4.40 8.33
N LEU B 9 -0.21 5.06 9.41
CA LEU B 9 0.32 6.41 9.30
C LEU B 9 1.82 6.29 8.99
N PHE B 10 2.22 6.87 7.87
CA PHE B 10 3.61 6.78 7.43
C PHE B 10 4.19 8.20 7.33
N ALA B 11 5.34 8.41 7.96
CA ALA B 11 5.92 9.76 8.03
C ALA B 11 7.38 9.76 7.58
N HIS B 12 7.61 10.08 6.31
CA HIS B 12 8.97 10.22 5.80
C HIS B 12 8.94 11.01 4.50
N PRO B 13 9.88 11.96 4.34
CA PRO B 13 9.88 12.78 3.12
C PRO B 13 10.31 12.06 1.85
N SER B 14 11.06 10.96 1.97
CA SER B 14 11.64 10.31 0.80
C SER B 14 10.73 9.29 0.14
N ARG B 15 10.83 9.15 -1.18
CA ARG B 15 10.14 8.04 -1.85
C ARG B 15 10.76 6.74 -1.44
N LYS B 16 12.08 6.74 -1.31
CA LYS B 16 12.83 5.53 -1.00
C LYS B 16 13.69 5.77 0.22
N SER B 17 13.50 4.95 1.24
CA SER B 17 14.33 4.99 2.44
C SER B 17 14.02 3.71 3.20
N PHE B 18 14.72 3.49 4.30
CA PHE B 18 14.50 2.27 5.05
C PHE B 18 13.07 2.20 5.57
N SER B 19 12.54 3.33 6.02
CA SER B 19 11.16 3.41 6.49
C SER B 19 10.18 2.90 5.43
N ARG B 20 10.42 3.24 4.16
CA ARG B 20 9.56 2.74 3.09
C ARG B 20 9.69 1.23 2.97
N GLU B 21 10.91 0.71 3.13
CA GLU B 21 11.10 -0.74 3.10
C GLU B 21 10.37 -1.42 4.27
N VAL B 22 10.34 -0.74 5.40
CA VAL B 22 9.64 -1.26 6.58
C VAL B 22 8.14 -1.31 6.27
N LEU B 23 7.64 -0.27 5.64
CA LEU B 23 6.24 -0.23 5.20
C LEU B 23 5.95 -1.39 4.24
N GLU B 24 6.83 -1.59 3.26
CA GLU B 24 6.69 -2.71 2.33
C GLU B 24 6.71 -4.08 3.03
N ALA B 25 7.59 -4.24 4.02
CA ALA B 25 7.68 -5.51 4.75
C ALA B 25 6.45 -5.77 5.61
N PHE B 26 6.00 -4.75 6.31
CA PHE B 26 4.81 -4.84 7.14
C PHE B 26 3.57 -5.21 6.32
N THR B 27 3.35 -4.49 5.23
CA THR B 27 2.21 -4.77 4.35
C THR B 27 2.32 -6.14 3.68
N GLU B 28 3.55 -6.58 3.43
CA GLU B 28 3.77 -7.93 2.89
C GLU B 28 3.28 -8.98 3.88
N GLY B 29 3.59 -8.78 5.16
CA GLY B 29 3.13 -9.66 6.23
C GLY B 29 1.63 -9.61 6.38
N LEU B 30 1.07 -8.40 6.30
CA LEU B 30 -0.38 -8.26 6.33
C LEU B 30 -1.02 -9.07 5.22
N SER B 31 -0.52 -8.91 4.00
CA SER B 31 -1.09 -9.63 2.87
C SER B 31 -1.02 -11.15 3.04
N GLU B 32 0.10 -11.64 3.57
CA GLU B 32 0.24 -13.08 3.80
C GLU B 32 -0.82 -13.62 4.75
N ALA B 33 -1.22 -12.79 5.71
CA ALA B 33 -2.23 -13.18 6.71
C ALA B 33 -3.65 -12.85 6.26
N GLY B 34 -3.77 -12.18 5.12
CA GLY B 34 -5.07 -11.86 4.56
C GLY B 34 -5.68 -10.56 5.07
N HIS B 35 -4.86 -9.76 5.75
CA HIS B 35 -5.31 -8.47 6.24
C HIS B 35 -5.15 -7.44 5.13
N THR B 36 -5.86 -6.31 5.28
CA THR B 36 -5.73 -5.20 4.35
C THR B 36 -5.25 -3.96 5.08
N TYR B 37 -4.88 -2.94 4.31
CA TYR B 37 -4.40 -1.71 4.90
C TYR B 37 -4.68 -0.55 3.97
N GLU B 38 -4.69 0.65 4.53
CA GLU B 38 -4.59 1.85 3.74
C GLU B 38 -3.53 2.71 4.35
N VAL B 39 -2.93 3.59 3.56
CA VAL B 39 -1.81 4.37 4.05
C VAL B 39 -2.11 5.86 4.06
N GLY B 40 -1.76 6.49 5.19
CA GLY B 40 -1.74 7.94 5.31
C GLY B 40 -0.30 8.38 5.16
N ASP B 41 0.11 8.65 3.92
CA ASP B 41 1.49 9.03 3.63
C ASP B 41 1.51 10.54 3.80
N LEU B 42 1.80 10.96 5.03
CA LEU B 42 1.57 12.34 5.43
C LEU B 42 2.34 13.37 4.61
N TYR B 43 3.59 13.09 4.27
CA TYR B 43 4.32 14.01 3.41
C TYR B 43 3.71 14.10 2.01
N ARG B 44 3.33 12.96 1.44
CA ARG B 44 2.84 12.93 0.08
C ARG B 44 1.45 13.59 0.01
N MET B 45 0.70 13.47 1.11
CA MET B 45 -0.62 14.10 1.22
C MET B 45 -0.55 15.59 1.44
N ASN B 46 0.66 16.09 1.71
CA ASN B 46 0.86 17.47 2.14
C ASN B 46 0.02 17.81 3.37
N PHE B 47 -0.06 16.85 4.30
CA PHE B 47 -0.86 16.99 5.51
C PHE B 47 -0.38 18.17 6.34
N ARG B 48 -1.29 19.06 6.73
CA ARG B 48 -0.89 20.21 7.53
C ARG B 48 -0.63 19.77 8.97
N SER B 49 0.57 20.05 9.47
CA SER B 49 0.95 19.51 10.77
C SER B 49 0.78 20.47 11.93
N GLU B 50 0.64 21.76 11.65
CA GLU B 50 0.51 22.73 12.74
C GLU B 50 -0.93 23.01 13.18
N LEU B 51 -1.20 22.78 14.47
CA LEU B 51 -2.48 23.16 15.04
C LEU B 51 -2.60 24.67 14.92
N SER B 52 -3.71 25.14 14.32
CA SER B 52 -3.92 26.57 14.08
C SER B 52 -4.50 27.26 15.30
N GLN B 53 -4.54 28.58 15.29
CA GLN B 53 -5.19 29.32 16.37
C GLN B 53 -6.67 28.91 16.49
N GLU B 54 -7.35 28.78 15.36
CA GLU B 54 -8.76 28.40 15.38
C GLU B 54 -8.97 27.03 16.01
N GLU B 55 -8.15 26.06 15.60
CA GLU B 55 -8.24 24.71 16.11
C GLU B 55 -7.93 24.66 17.61
N TYR B 56 -6.90 25.41 18.01
CA TYR B 56 -6.51 25.50 19.41
C TYR B 56 -7.67 26.02 20.27
N LEU B 57 -8.30 27.09 19.83
CA LEU B 57 -9.43 27.66 20.56
C LEU B 57 -10.59 26.68 20.64
N ARG B 58 -10.80 25.92 19.56
CA ARG B 58 -11.81 24.88 19.55
C ARG B 58 -11.48 23.80 20.58
N GLU B 59 -10.22 23.34 20.59
CA GLU B 59 -9.82 22.30 21.52
C GLU B 59 -9.99 22.74 22.98
N ILE B 60 -9.56 23.96 23.27
CA ILE B 60 -9.63 24.51 24.62
C ILE B 60 -11.08 24.65 25.08
N SER B 61 -11.98 24.95 24.14
CA SER B 61 -13.38 25.18 24.48
C SER B 61 -14.06 23.92 25.03
N GLN B 62 -13.46 22.77 24.72
CA GLN B 62 -13.96 21.47 25.17
C GLN B 62 -15.44 21.28 24.86
N GLU B 63 -15.75 21.48 23.58
CA GLU B 63 -17.08 21.26 23.03
C GLU B 63 -16.97 20.11 22.04
N ALA B 64 -17.49 18.94 22.43
CA ALA B 64 -17.31 17.73 21.63
C ALA B 64 -18.01 17.81 20.27
N GLY B 65 -19.02 18.65 20.16
CA GLY B 65 -19.77 18.78 18.92
C GLY B 65 -19.32 19.91 18.03
N SER B 66 -18.22 20.56 18.39
CA SER B 66 -17.68 21.66 17.59
C SER B 66 -17.08 21.16 16.28
N PRO B 67 -17.12 22.00 15.23
CA PRO B 67 -16.64 21.59 13.90
C PRO B 67 -15.16 21.23 13.89
N LEU B 68 -14.78 20.41 12.93
CA LEU B 68 -13.39 20.04 12.69
C LEU B 68 -13.08 20.34 11.23
N PRO B 69 -11.81 20.65 10.91
CA PRO B 69 -11.45 20.89 9.52
C PRO B 69 -11.65 19.64 8.68
N GLU B 70 -11.84 19.79 7.37
CA GLU B 70 -12.08 18.66 6.49
C GLU B 70 -10.99 17.60 6.53
N ASP B 71 -9.73 18.01 6.61
CA ASP B 71 -8.65 17.03 6.63
C ASP B 71 -8.71 16.15 7.89
N VAL B 72 -9.08 16.74 9.02
CA VAL B 72 -9.20 15.96 10.24
C VAL B 72 -10.42 15.04 10.17
N MET B 73 -11.52 15.53 9.60
CA MET B 73 -12.70 14.69 9.39
C MET B 73 -12.36 13.48 8.54
N GLU B 74 -11.53 13.68 7.52
CA GLU B 74 -11.11 12.58 6.66
C GLU B 74 -10.28 11.56 7.44
N GLU B 75 -9.36 12.06 8.26
CA GLU B 75 -8.58 11.18 9.09
C GLU B 75 -9.47 10.34 9.99
N HIS B 76 -10.49 10.96 10.59
CA HIS B 76 -11.40 10.23 11.46
C HIS B 76 -12.19 9.16 10.71
N GLU B 77 -12.55 9.46 9.46
CA GLU B 77 -13.19 8.45 8.62
C GLU B 77 -12.27 7.26 8.35
N ARG B 78 -11.00 7.54 8.07
CA ARG B 78 -10.01 6.48 7.85
C ARG B 78 -9.87 5.58 9.09
N ILE B 79 -9.74 6.20 10.26
CA ILE B 79 -9.66 5.47 11.52
C ILE B 79 -10.94 4.63 11.75
N GLY B 80 -12.08 5.20 11.42
CA GLY B 80 -13.36 4.52 11.57
C GLY B 80 -13.49 3.24 10.75
N ARG B 81 -12.78 3.18 9.62
CA ARG B 81 -12.79 1.98 8.78
C ARG B 81 -11.84 0.91 9.32
N ALA B 82 -10.97 1.31 10.24
CA ALA B 82 -9.87 0.46 10.69
C ALA B 82 -10.21 -0.37 11.92
N ASP B 83 -9.62 -1.56 11.99
CA ASP B 83 -9.63 -2.37 13.21
C ASP B 83 -8.33 -2.16 13.97
N ALA B 84 -7.32 -1.69 13.25
CA ALA B 84 -5.97 -1.51 13.79
C ALA B 84 -5.32 -0.26 13.21
N LEU B 85 -4.41 0.33 13.97
CA LEU B 85 -3.57 1.42 13.47
C LEU B 85 -2.14 0.97 13.42
N ALA B 86 -1.36 1.54 12.51
CA ALA B 86 0.07 1.34 12.53
C ALA B 86 0.76 2.68 12.35
N PHE B 87 1.96 2.81 12.91
CA PHE B 87 2.76 4.02 12.76
C PHE B 87 4.15 3.62 12.35
N ILE B 88 4.59 4.12 11.21
CA ILE B 88 5.90 3.77 10.66
C ILE B 88 6.66 5.07 10.38
N TYR B 89 7.81 5.22 11.04
CA TYR B 89 8.57 6.47 10.99
C TYR B 89 9.99 6.26 11.50
N PRO B 90 10.90 7.16 11.13
CA PRO B 90 12.22 7.15 11.74
C PRO B 90 12.21 7.93 13.05
N LEU B 91 13.04 7.50 14.00
CA LEU B 91 13.20 8.23 15.25
C LEU B 91 14.04 9.47 14.95
N TRP B 92 13.47 10.65 15.17
CA TRP B 92 14.18 11.92 14.99
C TRP B 92 14.15 12.67 16.32
N TRP B 93 15.31 12.91 16.91
CA TRP B 93 15.41 13.60 18.19
C TRP B 93 14.48 12.98 19.22
N SER B 94 14.52 11.65 19.25
CA SER B 94 13.88 10.81 20.26
C SER B 94 12.36 10.84 20.27
N ASP B 95 11.76 11.30 19.18
CA ASP B 95 10.31 11.15 19.00
C ASP B 95 10.01 11.07 17.50
N CYS B 96 8.75 11.19 17.11
CA CYS B 96 8.30 11.12 15.72
CA CYS B 96 8.43 11.07 15.71
C CYS B 96 8.73 12.37 14.96
N PRO B 97 8.87 12.26 13.63
CA PRO B 97 9.07 13.48 12.85
C PRO B 97 7.97 14.49 13.16
N ALA B 98 8.26 15.78 13.03
CA ALA B 98 7.27 16.80 13.30
C ALA B 98 5.95 16.55 12.58
N LYS B 99 6.03 16.04 11.35
CA LYS B 99 4.82 15.80 10.55
C LYS B 99 3.84 14.87 11.27
N LEU B 100 4.37 13.79 11.86
CA LEU B 100 3.54 12.85 12.58
C LEU B 100 3.13 13.38 13.95
N LYS B 101 4.01 14.14 14.60
CA LYS B 101 3.63 14.77 15.87
C LYS B 101 2.40 15.65 15.66
N GLY B 102 2.41 16.41 14.57
CA GLY B 102 1.32 17.28 14.21
C GLY B 102 0.02 16.55 13.96
N TRP B 103 0.13 15.34 13.40
CA TRP B 103 -1.02 14.50 13.20
C TRP B 103 -1.69 14.22 14.55
N PHE B 104 -0.90 13.85 15.56
CA PHE B 104 -1.50 13.69 16.88
C PHE B 104 -2.13 14.99 17.39
N ASP B 105 -1.38 16.09 17.28
CA ASP B 105 -1.87 17.38 17.78
C ASP B 105 -3.22 17.74 17.17
N ARG B 106 -3.38 17.47 15.88
CA ARG B 106 -4.57 17.91 15.15
C ARG B 106 -5.69 16.88 15.08
N VAL B 107 -5.34 15.60 15.15
CA VAL B 107 -6.32 14.53 14.91
C VAL B 107 -6.89 13.95 16.21
N TRP B 108 -6.09 14.00 17.27
CA TRP B 108 -6.57 13.55 18.57
C TRP B 108 -7.41 14.63 19.23
N THR B 109 -8.62 14.84 18.71
CA THR B 109 -9.43 15.99 19.11
C THR B 109 -10.35 15.75 20.31
N TYR B 110 -10.65 16.83 21.03
CA TYR B 110 -11.58 16.74 22.14
C TYR B 110 -12.92 16.25 21.66
N GLY B 111 -13.46 15.25 22.37
CA GLY B 111 -14.74 14.66 22.00
C GLY B 111 -14.55 13.43 21.12
N TYR B 112 -13.33 13.25 20.62
CA TYR B 112 -13.02 12.11 19.79
C TYR B 112 -11.99 11.21 20.46
N ALA B 113 -10.78 11.73 20.66
CA ALA B 113 -9.71 10.96 21.29
C ALA B 113 -9.84 10.95 22.80
N TYR B 114 -10.44 12.02 23.33
CA TYR B 114 -10.60 12.19 24.77
C TYR B 114 -11.72 13.18 25.05
N PHE B 115 -12.47 12.94 26.11
CA PHE B 115 -13.48 13.89 26.55
C PHE B 115 -13.87 13.63 27.99
N TYR B 116 -14.49 14.62 28.63
CA TYR B 116 -14.87 14.54 30.03
C TYR B 116 -16.34 14.90 30.19
N ARG B 121 -12.90 10.86 31.94
CA ARG B 121 -12.33 10.83 30.61
C ARG B 121 -12.80 9.60 29.79
N GLY B 122 -13.33 9.85 28.59
CA GLY B 122 -13.82 8.78 27.73
C GLY B 122 -13.24 8.89 26.32
N THR B 123 -13.71 8.06 25.39
CA THR B 123 -13.19 8.07 24.01
C THR B 123 -14.17 7.52 22.98
N ARG B 124 -13.97 7.89 21.72
CA ARG B 124 -14.79 7.37 20.63
C ARG B 124 -13.96 6.53 19.66
N ILE B 125 -12.66 6.45 19.92
CA ILE B 125 -11.76 5.62 19.14
C ILE B 125 -12.05 4.14 19.41
N ASP B 126 -12.30 3.40 18.34
CA ASP B 126 -12.64 1.98 18.41
C ASP B 126 -11.59 1.18 17.64
N ILE B 127 -10.45 0.94 18.29
CA ILE B 127 -9.29 0.33 17.66
C ILE B 127 -8.76 -0.80 18.55
N GLU B 128 -8.71 -2.01 17.99
CA GLU B 128 -8.32 -3.19 18.75
C GLU B 128 -6.80 -3.25 19.00
N LYS B 129 -6.02 -2.75 18.06
CA LYS B 129 -4.57 -2.88 18.17
C LYS B 129 -3.85 -1.76 17.45
N ALA B 130 -2.72 -1.31 18.02
CA ALA B 130 -1.84 -0.40 17.32
C ALA B 130 -0.44 -0.97 17.32
N VAL B 131 0.22 -0.90 16.16
CA VAL B 131 1.58 -1.36 15.98
C VAL B 131 2.47 -0.17 15.67
N VAL B 132 3.54 0.00 16.43
CA VAL B 132 4.50 1.04 16.14
C VAL B 132 5.78 0.41 15.63
N LEU B 133 6.19 0.79 14.42
CA LEU B 133 7.45 0.33 13.85
C LEU B 133 8.33 1.54 13.64
N CYS B 134 9.29 1.73 14.54
CA CYS B 134 10.12 2.90 14.53
C CYS B 134 11.57 2.50 14.27
N SER B 135 12.16 3.03 13.20
CA SER B 135 13.57 2.74 12.94
C SER B 135 14.45 3.80 13.56
N ALA B 136 15.59 3.37 14.08
CA ALA B 136 16.49 4.29 14.79
C ALA B 136 17.91 3.98 14.37
N GLY B 137 18.77 5.00 14.41
CA GLY B 137 20.19 4.80 14.22
C GLY B 137 20.78 4.06 15.40
N HIS B 138 20.43 4.49 16.61
CA HIS B 138 20.96 3.84 17.81
C HIS B 138 20.38 2.44 17.95
N THR B 139 21.12 1.56 18.63
CA THR B 139 20.62 0.22 18.91
C THR B 139 19.58 0.30 20.00
N GLU B 140 18.76 -0.75 20.13
CA GLU B 140 17.79 -0.81 21.22
C GLU B 140 18.50 -0.76 22.57
N GLU B 141 19.64 -1.44 22.66
CA GLU B 141 20.40 -1.47 23.89
C GLU B 141 20.80 -0.05 24.30
N ASP B 142 21.29 0.72 23.33
CA ASP B 142 21.67 2.09 23.63
C ASP B 142 20.47 2.95 24.03
N LEU B 143 19.36 2.78 23.30
CA LEU B 143 18.16 3.57 23.59
C LEU B 143 17.58 3.25 24.97
N GLU B 144 17.72 2.01 25.41
CA GLU B 144 17.32 1.68 26.78
C GLU B 144 18.16 2.46 27.78
N GLY B 145 19.48 2.50 27.56
CA GLY B 145 20.40 3.10 28.50
C GLY B 145 20.22 4.60 28.67
N THR B 146 19.73 5.26 27.63
CA THR B 146 19.52 6.71 27.68
C THR B 146 18.10 7.06 28.13
N GLY B 147 17.32 6.03 28.48
CA GLY B 147 15.94 6.22 28.88
C GLY B 147 15.02 6.52 27.71
N ILE B 148 15.55 6.48 26.50
CA ILE B 148 14.76 6.83 25.32
C ILE B 148 13.75 5.72 24.96
N ALA B 149 14.14 4.45 25.11
CA ALA B 149 13.19 3.37 24.84
C ALA B 149 12.01 3.47 25.79
N GLU B 150 12.31 3.73 27.06
CA GLU B 150 11.26 3.91 28.06
C GLU B 150 10.36 5.10 27.71
N SER B 151 10.97 6.22 27.31
CA SER B 151 10.17 7.39 26.94
C SER B 151 9.22 7.08 25.79
N MET B 152 9.67 6.26 24.84
CA MET B 152 8.82 5.88 23.71
C MET B 152 7.64 5.02 24.15
N ARG B 153 7.88 4.11 25.09
CA ARG B 153 6.80 3.30 25.61
C ARG B 153 5.81 4.15 26.39
N SER B 154 6.35 5.12 27.13
CA SER B 154 5.52 5.99 27.96
CA SER B 154 5.54 6.01 27.96
C SER B 154 4.72 6.99 27.13
N VAL B 155 5.37 7.61 26.16
CA VAL B 155 4.76 8.67 25.38
C VAL B 155 3.95 8.14 24.21
N MET B 156 4.57 7.29 23.40
CA MET B 156 3.92 6.82 22.18
C MET B 156 2.90 5.71 22.48
N LEU B 157 3.35 4.65 23.12
CA LEU B 157 2.44 3.54 23.44
C LEU B 157 1.45 3.95 24.54
N GLY B 158 1.95 4.58 25.59
CA GLY B 158 1.11 4.93 26.72
C GLY B 158 0.17 6.09 26.45
N ASP B 159 0.73 7.29 26.40
CA ASP B 159 -0.08 8.50 26.32
C ASP B 159 -0.89 8.60 25.02
N ARG B 160 -0.27 8.32 23.88
CA ARG B 160 -0.88 8.59 22.57
C ARG B 160 -1.72 7.45 22.03
N LEU B 161 -1.59 6.26 22.60
CA LEU B 161 -2.30 5.11 22.06
C LEU B 161 -3.18 4.45 23.12
N LEU B 162 -2.59 3.81 24.12
CA LEU B 162 -3.41 3.24 25.19
C LEU B 162 -4.22 4.32 25.89
N GLY B 163 -3.63 5.51 25.99
CA GLY B 163 -4.25 6.64 26.68
C GLY B 163 -5.47 7.25 25.99
N VAL B 164 -5.67 6.90 24.72
CA VAL B 164 -6.86 7.35 24.00
C VAL B 164 -7.81 6.19 23.66
N GLY B 165 -7.55 5.02 24.24
CA GLY B 165 -8.50 3.92 24.16
C GLY B 165 -8.12 2.77 23.23
N VAL B 166 -6.96 2.84 22.59
CA VAL B 166 -6.49 1.70 21.81
C VAL B 166 -6.35 0.51 22.75
N LYS B 167 -6.92 -0.63 22.38
CA LYS B 167 -7.06 -1.73 23.34
C LYS B 167 -5.76 -2.49 23.62
N ASN B 168 -4.93 -2.62 22.59
CA ASN B 168 -3.67 -3.35 22.70
C ASN B 168 -2.62 -2.66 21.85
N VAL B 169 -1.38 -2.64 22.32
CA VAL B 169 -0.30 -1.99 21.59
C VAL B 169 0.97 -2.82 21.59
N THR B 170 1.72 -2.69 20.50
CA THR B 170 3.04 -3.32 20.40
CA THR B 170 3.04 -3.31 20.41
C THR B 170 3.98 -2.36 19.68
N MET B 171 5.26 -2.46 20.00
CA MET B 171 6.25 -1.64 19.32
C MET B 171 7.46 -2.46 18.97
N GLU B 172 8.00 -2.24 17.78
CA GLU B 172 9.31 -2.76 17.43
C GLU B 172 10.21 -1.57 17.16
N ILE B 173 11.23 -1.42 18.00
CA ILE B 173 12.27 -0.45 17.73
C ILE B 173 13.29 -1.14 16.83
N LEU B 174 13.29 -0.72 15.56
CA LEU B 174 14.17 -1.28 14.54
C LEU B 174 15.47 -0.49 14.53
N GLY B 175 16.37 -0.84 15.45
CA GLY B 175 17.56 -0.05 15.67
C GLY B 175 18.77 -0.39 14.83
N GLY B 176 19.84 0.38 15.05
CA GLY B 176 21.11 0.13 14.37
C GLY B 176 21.16 0.62 12.94
N MET B 177 20.20 1.45 12.54
CA MET B 177 20.13 1.90 11.15
C MET B 177 20.89 3.19 10.90
N VAL B 178 22.20 3.16 11.11
CA VAL B 178 23.05 4.32 10.85
C VAL B 178 23.46 4.34 9.37
N PRO B 179 23.71 5.54 8.81
CA PRO B 179 24.00 5.67 7.38
C PRO B 179 25.18 4.79 6.90
N GLY B 180 24.96 4.06 5.82
CA GLY B 180 26.00 3.22 5.25
C GLY B 180 26.24 1.89 5.95
N ASP B 181 25.36 1.53 6.88
CA ASP B 181 25.47 0.26 7.60
C ASP B 181 24.18 -0.54 7.44
N ASP B 182 24.26 -1.65 6.72
CA ASP B 182 23.09 -2.46 6.40
C ASP B 182 23.01 -3.72 7.26
N SER B 183 23.82 -3.78 8.32
CA SER B 183 23.94 -5.01 9.12
C SER B 183 22.65 -5.42 9.84
N CYS B 184 21.82 -4.45 10.19
CA CYS B 184 20.57 -4.73 10.90
C CYS B 184 19.37 -4.72 9.98
N ARG B 185 19.61 -4.48 8.70
CA ARG B 185 18.52 -4.31 7.73
C ARG B 185 17.62 -5.54 7.63
N GLU B 186 18.21 -6.70 7.34
CA GLU B 186 17.41 -7.90 7.10
C GLU B 186 16.65 -8.36 8.35
N ILE B 187 17.33 -8.33 9.50
CA ILE B 187 16.68 -8.71 10.74
C ILE B 187 15.51 -7.77 11.07
N ASN B 188 15.70 -6.48 10.82
CA ASN B 188 14.64 -5.52 11.10
C ASN B 188 13.46 -5.66 10.16
N LEU B 189 13.74 -5.96 8.90
CA LEU B 189 12.65 -6.18 7.96
C LEU B 189 11.84 -7.44 8.32
N MET B 190 12.52 -8.48 8.81
CA MET B 190 11.82 -9.69 9.28
C MET B 190 10.86 -9.36 10.43
N ARG B 191 11.30 -8.52 11.35
CA ARG B 191 10.47 -8.10 12.48
C ARG B 191 9.24 -7.36 11.99
N ALA B 192 9.41 -6.52 10.97
CA ALA B 192 8.28 -5.82 10.37
C ALA B 192 7.31 -6.79 9.68
N ARG B 193 7.82 -7.76 8.93
CA ARG B 193 6.96 -8.75 8.28
C ARG B 193 6.17 -9.51 9.31
N ARG B 194 6.86 -9.93 10.36
CA ARG B 194 6.23 -10.71 11.43
C ARG B 194 5.13 -9.89 12.09
N ALA B 195 5.38 -8.60 12.29
CA ALA B 195 4.38 -7.74 12.92
C ALA B 195 3.08 -7.70 12.10
N GLY B 196 3.20 -7.68 10.78
CA GLY B 196 2.03 -7.69 9.91
C GLY B 196 1.34 -9.03 9.90
N ARG B 197 2.12 -10.10 9.79
CA ARG B 197 1.60 -11.44 9.73
C ARG B 197 0.86 -11.78 11.03
N ASN B 198 1.33 -11.21 12.12
CA ASN B 198 0.84 -11.58 13.45
C ASN B 198 -0.15 -10.60 14.05
N LEU B 199 -0.64 -9.67 13.22
CA LEU B 199 -1.51 -8.60 13.67
C LEU B 199 -2.68 -9.04 14.55
N GLU B 200 -3.30 -10.17 14.21
CA GLU B 200 -4.52 -10.62 14.89
C GLU B 200 -4.28 -11.08 16.34
N HIS B 201 -3.05 -11.40 16.65
CA HIS B 201 -2.72 -11.94 17.97
C HIS B 201 -2.31 -10.85 18.96
N HIS B 202 -2.83 -10.90 20.18
CA HIS B 202 -2.40 -9.98 21.24
C HIS B 202 -2.61 -10.58 22.63
N HIS B 203 -2.43 -9.78 23.68
CA HIS B 203 -2.56 -10.27 25.05
C HIS B 203 -4.03 -10.31 25.49
N HIS B 204 -4.27 -10.93 26.65
CA HIS B 204 -5.63 -11.09 27.15
C HIS B 204 -5.64 -10.99 28.67
N ALA C 2 -13.68 15.45 -2.97
CA ALA C 2 -14.11 14.28 -2.20
C ALA C 2 -13.05 13.21 -2.20
N SER C 3 -12.60 12.79 -1.03
CA SER C 3 -11.66 11.68 -0.95
C SER C 3 -12.34 10.40 -1.38
N MET C 4 -11.69 9.64 -2.26
CA MET C 4 -12.21 8.36 -2.71
C MET C 4 -11.34 7.24 -2.17
N HIS C 5 -11.92 6.06 -2.02
CA HIS C 5 -11.21 4.88 -1.54
C HIS C 5 -11.15 3.86 -2.66
N VAL C 6 -9.95 3.39 -2.99
CA VAL C 6 -9.75 2.48 -4.11
C VAL C 6 -9.34 1.10 -3.63
N TYR C 7 -9.97 0.05 -4.15
CA TYR C 7 -9.45 -1.29 -3.91
C TYR C 7 -8.63 -1.68 -5.14
N ILE C 8 -7.34 -1.94 -4.93
CA ILE C 8 -6.42 -2.20 -6.03
C ILE C 8 -6.07 -3.68 -6.07
N LEU C 9 -6.46 -4.33 -7.16
CA LEU C 9 -6.05 -5.72 -7.39
C LEU C 9 -4.70 -5.71 -8.08
N PHE C 10 -3.73 -6.34 -7.42
CA PHE C 10 -2.36 -6.36 -7.93
C PHE C 10 -1.94 -7.79 -8.19
N ALA C 11 -1.50 -8.07 -9.41
CA ALA C 11 -1.20 -9.44 -9.82
C ALA C 11 0.21 -9.57 -10.40
N HIS C 12 1.16 -9.95 -9.55
CA HIS C 12 2.52 -10.22 -9.98
C HIS C 12 3.26 -11.07 -8.94
N PRO C 13 4.05 -12.04 -9.39
CA PRO C 13 4.73 -12.92 -8.44
C PRO C 13 5.89 -12.26 -7.68
N SER C 14 6.46 -11.20 -8.23
CA SER C 14 7.70 -10.63 -7.70
C SER C 14 7.50 -9.58 -6.64
N ARG C 15 8.40 -9.59 -5.66
CA ARG C 15 8.45 -8.54 -4.66
C ARG C 15 8.78 -7.23 -5.38
N LYS C 16 9.75 -7.29 -6.29
CA LYS C 16 10.12 -6.12 -7.05
C LYS C 16 10.05 -6.36 -8.54
N SER C 17 9.34 -5.48 -9.25
CA SER C 17 9.21 -5.54 -10.69
C SER C 17 8.63 -4.22 -11.16
N PHE C 18 8.53 -4.03 -12.47
CA PHE C 18 7.95 -2.78 -12.97
C PHE C 18 6.52 -2.60 -12.49
N SER C 19 5.73 -3.69 -12.46
CA SER C 19 4.36 -3.61 -11.98
C SER C 19 4.29 -3.06 -10.56
N ARG C 20 5.25 -3.45 -9.71
CA ARG C 20 5.26 -2.94 -8.34
C ARG C 20 5.56 -1.45 -8.37
N GLU C 21 6.42 -1.02 -9.29
CA GLU C 21 6.71 0.41 -9.44
C GLU C 21 5.48 1.18 -9.91
N VAL C 22 4.68 0.55 -10.76
CA VAL C 22 3.43 1.15 -11.23
C VAL C 22 2.45 1.30 -10.07
N LEU C 23 2.36 0.27 -9.23
CA LEU C 23 1.56 0.36 -8.01
C LEU C 23 2.04 1.52 -7.11
N GLU C 24 3.35 1.65 -6.93
CA GLU C 24 3.93 2.70 -6.10
C GLU C 24 3.60 4.07 -6.68
N ALA C 25 3.71 4.20 -8.01
CA ALA C 25 3.39 5.46 -8.69
C ALA C 25 1.91 5.83 -8.60
N PHE C 26 1.03 4.86 -8.87
CA PHE C 26 -0.41 5.10 -8.81
C PHE C 26 -0.83 5.53 -7.40
N THR C 27 -0.35 4.82 -6.38
CA THR C 27 -0.70 5.16 -5.00
C THR C 27 -0.10 6.49 -4.58
N GLU C 28 1.06 6.85 -5.13
CA GLU C 28 1.67 8.14 -4.86
C GLU C 28 0.74 9.25 -5.36
N GLY C 29 0.18 9.05 -6.54
CA GLY C 29 -0.79 9.96 -7.11
C GLY C 29 -2.04 10.06 -6.27
N LEU C 30 -2.56 8.92 -5.82
CA LEU C 30 -3.74 8.92 -4.96
C LEU C 30 -3.48 9.76 -3.71
N SER C 31 -2.31 9.56 -3.10
CA SER C 31 -1.95 10.29 -1.90
C SER C 31 -1.89 11.80 -2.11
N GLU C 32 -1.31 12.21 -3.23
CA GLU C 32 -1.21 13.63 -3.54
C GLU C 32 -2.59 14.27 -3.61
N ALA C 33 -3.57 13.50 -4.10
CA ALA C 33 -4.93 13.99 -4.26
C ALA C 33 -5.78 13.75 -3.01
N GLY C 34 -5.22 13.10 -1.99
CA GLY C 34 -5.93 12.89 -0.75
C GLY C 34 -6.80 11.65 -0.73
N HIS C 35 -6.66 10.80 -1.76
CA HIS C 35 -7.44 9.55 -1.81
C HIS C 35 -6.72 8.46 -1.01
N THR C 36 -7.44 7.39 -0.71
CA THR C 36 -6.83 6.23 -0.06
C THR C 36 -7.03 4.99 -0.90
N TYR C 37 -6.35 3.91 -0.51
CA TYR C 37 -6.45 2.66 -1.24
C TYR C 37 -6.20 1.53 -0.28
N GLU C 38 -6.59 0.34 -0.69
CA GLU C 38 -6.07 -0.89 -0.09
C GLU C 38 -5.69 -1.82 -1.22
N VAL C 39 -4.82 -2.78 -0.93
CA VAL C 39 -4.28 -3.62 -1.99
C VAL C 39 -4.65 -5.09 -1.80
N GLY C 40 -5.12 -5.71 -2.89
CA GLY C 40 -5.25 -7.16 -2.93
C GLY C 40 -4.06 -7.69 -3.70
N ASP C 41 -3.00 -8.03 -2.97
CA ASP C 41 -1.77 -8.54 -3.57
C ASP C 41 -1.97 -10.04 -3.68
N LEU C 42 -2.55 -10.47 -4.80
CA LEU C 42 -3.10 -11.81 -4.91
C LEU C 42 -2.07 -12.93 -4.73
N TYR C 43 -0.86 -12.75 -5.28
CA TYR C 43 0.18 -13.75 -5.08
C TYR C 43 0.58 -13.82 -3.61
N ARG C 44 0.80 -12.66 -2.99
CA ARG C 44 1.25 -12.64 -1.61
C ARG C 44 0.19 -13.20 -0.66
N MET C 45 -1.07 -13.01 -1.04
CA MET C 45 -2.21 -13.53 -0.29
C MET C 45 -2.38 -15.03 -0.44
N ASN C 46 -1.70 -15.62 -1.43
CA ASN C 46 -1.93 -17.02 -1.81
CA ASN C 46 -1.93 -17.00 -1.85
C ASN C 46 -3.40 -17.22 -2.20
N PHE C 47 -3.96 -16.25 -2.91
CA PHE C 47 -5.35 -16.33 -3.32
C PHE C 47 -5.57 -17.49 -4.28
N ARG C 48 -6.50 -18.38 -3.96
CA ARG C 48 -6.76 -19.54 -4.83
C ARG C 48 -7.36 -19.08 -6.15
N SER C 49 -6.73 -19.48 -7.26
CA SER C 49 -7.18 -18.96 -8.55
CA SER C 49 -7.09 -19.04 -8.61
C SER C 49 -8.20 -19.86 -9.26
N GLU C 50 -8.24 -21.16 -8.92
CA GLU C 50 -9.11 -22.07 -9.65
C GLU C 50 -10.51 -22.18 -9.06
N LEU C 51 -11.51 -21.93 -9.89
CA LEU C 51 -12.89 -22.19 -9.51
C LEU C 51 -13.00 -23.69 -9.26
N SER C 52 -13.51 -24.06 -8.09
CA SER C 52 -13.61 -25.45 -7.70
C SER C 52 -14.89 -26.08 -8.23
N GLN C 53 -14.99 -27.39 -8.13
CA GLN C 53 -16.20 -28.09 -8.51
C GLN C 53 -17.42 -27.58 -7.71
N GLU C 54 -17.23 -27.38 -6.41
CA GLU C 54 -18.29 -26.90 -5.55
C GLU C 54 -18.75 -25.50 -5.92
N GLU C 55 -17.79 -24.61 -6.20
CA GLU C 55 -18.11 -23.25 -6.62
C GLU C 55 -18.81 -23.23 -7.97
N TYR C 56 -18.32 -24.06 -8.89
CA TYR C 56 -18.92 -24.19 -10.21
C TYR C 56 -20.39 -24.58 -10.13
N LEU C 57 -20.68 -25.61 -9.34
CA LEU C 57 -22.05 -26.03 -9.15
C LEU C 57 -22.92 -24.90 -8.57
N ARG C 58 -22.35 -24.14 -7.64
CA ARG C 58 -23.10 -23.04 -7.03
C ARG C 58 -23.39 -22.01 -8.10
N GLU C 59 -22.40 -21.67 -8.91
CA GLU C 59 -22.55 -20.69 -9.98
C GLU C 59 -23.59 -21.11 -11.02
N ILE C 60 -23.52 -22.35 -11.50
CA ILE C 60 -24.48 -22.76 -12.53
C ILE C 60 -25.91 -22.91 -11.98
N SER C 61 -26.04 -23.12 -10.68
CA SER C 61 -27.37 -23.21 -10.06
C SER C 61 -28.16 -21.90 -10.10
N GLN C 62 -27.44 -20.78 -10.25
CA GLN C 62 -28.07 -19.46 -10.34
C GLN C 62 -29.04 -19.20 -9.20
N GLU C 63 -28.59 -19.54 -8.00
CA GLU C 63 -29.30 -19.27 -6.75
C GLU C 63 -28.50 -18.28 -5.93
N ALA C 64 -28.91 -17.01 -5.98
CA ALA C 64 -28.18 -15.94 -5.32
C ALA C 64 -28.06 -16.11 -3.81
N GLY C 65 -29.00 -16.82 -3.19
CA GLY C 65 -28.91 -17.08 -1.77
C GLY C 65 -27.77 -17.98 -1.32
N SER C 66 -27.20 -18.74 -2.27
CA SER C 66 -26.22 -19.78 -1.94
C SER C 66 -24.90 -19.24 -1.40
N PRO C 67 -24.27 -19.99 -0.48
CA PRO C 67 -23.03 -19.60 0.18
C PRO C 67 -21.85 -19.41 -0.75
N LEU C 68 -20.91 -18.56 -0.33
CA LEU C 68 -19.65 -18.35 -1.04
C LEU C 68 -18.50 -18.67 -0.09
N PRO C 69 -17.34 -19.07 -0.66
CA PRO C 69 -16.16 -19.34 0.18
C PRO C 69 -15.76 -18.10 0.95
N GLU C 70 -15.16 -18.29 2.13
CA GLU C 70 -14.77 -17.13 2.96
C GLU C 70 -13.82 -16.17 2.26
N ASP C 71 -12.91 -16.69 1.42
CA ASP C 71 -11.98 -15.79 0.74
C ASP C 71 -12.69 -14.87 -0.27
N VAL C 72 -13.72 -15.41 -0.92
CA VAL C 72 -14.52 -14.61 -1.84
C VAL C 72 -15.39 -13.61 -1.08
N MET C 73 -15.93 -14.02 0.06
CA MET C 73 -16.66 -13.08 0.89
C MET C 73 -15.77 -11.91 1.30
N GLU C 74 -14.52 -12.20 1.63
CA GLU C 74 -13.58 -11.15 2.01
C GLU C 74 -13.33 -10.20 0.84
N GLU C 75 -13.22 -10.74 -0.37
CA GLU C 75 -13.06 -9.89 -1.55
C GLU C 75 -14.27 -8.98 -1.71
N HIS C 76 -15.47 -9.52 -1.48
CA HIS C 76 -16.66 -8.70 -1.57
C HIS C 76 -16.70 -7.58 -0.52
N GLU C 77 -16.19 -7.84 0.68
CA GLU C 77 -16.11 -6.79 1.68
C GLU C 77 -15.16 -5.69 1.26
N ARG C 78 -14.05 -6.06 0.65
CA ARG C 78 -13.08 -5.08 0.18
C ARG C 78 -13.71 -4.20 -0.90
N ILE C 79 -14.39 -4.83 -1.85
CA ILE C 79 -15.03 -4.07 -2.92
C ILE C 79 -16.13 -3.18 -2.33
N GLY C 80 -16.79 -3.68 -1.30
CA GLY C 80 -17.86 -2.95 -0.65
C GLY C 80 -17.40 -1.66 -0.01
N ARG C 81 -16.14 -1.63 0.41
CA ARG C 81 -15.56 -0.42 1.04
C ARG C 81 -15.09 0.60 0.01
N ALA C 82 -15.01 0.17 -1.25
CA ALA C 82 -14.40 0.97 -2.30
C ALA C 82 -15.39 1.83 -3.08
N ASP C 83 -14.91 3.02 -3.47
CA ASP C 83 -15.58 3.84 -4.47
C ASP C 83 -15.08 3.50 -5.89
N ALA C 84 -13.85 3.01 -5.96
CA ALA C 84 -13.23 2.70 -7.24
C ALA C 84 -12.43 1.41 -7.14
N LEU C 85 -12.26 0.74 -8.26
CA LEU C 85 -11.35 -0.40 -8.35
C LEU C 85 -10.17 -0.03 -9.25
N ALA C 86 -9.02 -0.64 -8.99
CA ALA C 86 -7.92 -0.59 -9.94
C ALA C 86 -7.35 -1.98 -10.15
N PHE C 87 -6.80 -2.22 -11.34
CA PHE C 87 -6.20 -3.49 -11.68
C PHE C 87 -4.82 -3.20 -12.23
N ILE C 88 -3.80 -3.73 -11.57
CA ILE C 88 -2.43 -3.48 -11.97
C ILE C 88 -1.77 -4.83 -12.20
N TYR C 89 -1.31 -5.07 -13.43
CA TYR C 89 -0.78 -6.37 -13.82
C TYR C 89 -0.02 -6.27 -15.12
N PRO C 90 0.87 -7.24 -15.38
CA PRO C 90 1.53 -7.34 -16.69
C PRO C 90 0.65 -8.08 -17.69
N LEU C 91 0.73 -7.69 -18.95
CA LEU C 91 0.04 -8.40 -20.02
C LEU C 91 0.78 -9.69 -20.28
N TRP C 92 0.12 -10.83 -20.07
CA TRP C 92 0.70 -12.15 -20.33
C TRP C 92 -0.20 -12.88 -21.33
N TRP C 93 0.34 -13.21 -22.49
CA TRP C 93 -0.43 -13.90 -23.53
C TRP C 93 -1.78 -13.20 -23.78
N SER C 94 -1.68 -11.88 -23.90
CA SER C 94 -2.78 -11.00 -24.28
C SER C 94 -3.95 -10.88 -23.32
N ASP C 95 -3.78 -11.32 -22.09
CA ASP C 95 -4.77 -11.08 -21.05
C ASP C 95 -4.07 -11.00 -19.69
N CYS C 96 -4.83 -11.03 -18.60
CA CYS C 96 -4.31 -10.95 -17.24
CA CYS C 96 -4.18 -10.90 -17.31
C CYS C 96 -3.54 -12.22 -16.90
N PRO C 97 -2.60 -12.14 -15.94
CA PRO C 97 -2.04 -13.40 -15.41
C PRO C 97 -3.16 -14.32 -14.93
N ALA C 98 -2.94 -15.64 -15.01
CA ALA C 98 -3.93 -16.60 -14.52
C ALA C 98 -4.46 -16.27 -13.11
N LYS C 99 -3.60 -15.78 -12.23
CA LYS C 99 -4.01 -15.45 -10.86
C LYS C 99 -5.16 -14.45 -10.86
N LEU C 100 -5.03 -13.41 -11.68
CA LEU C 100 -6.08 -12.39 -11.77
C LEU C 100 -7.29 -12.86 -12.56
N LYS C 101 -7.06 -13.66 -13.61
CA LYS C 101 -8.18 -14.26 -14.32
C LYS C 101 -9.04 -15.09 -13.37
N GLY C 102 -8.37 -15.83 -12.49
CA GLY C 102 -9.05 -16.63 -11.49
C GLY C 102 -9.83 -15.80 -10.48
N TRP C 103 -9.31 -14.62 -10.16
CA TRP C 103 -10.03 -13.70 -9.30
C TRP C 103 -11.38 -13.38 -9.93
N PHE C 104 -11.39 -13.05 -11.23
CA PHE C 104 -12.66 -12.82 -11.92
C PHE C 104 -13.55 -14.04 -11.87
N ASP C 105 -13.01 -15.21 -12.22
CA ASP C 105 -13.77 -16.46 -12.24
C ASP C 105 -14.47 -16.71 -10.91
N ARG C 106 -13.75 -16.45 -9.81
CA ARG C 106 -14.22 -16.79 -8.47
C ARG C 106 -14.98 -15.68 -7.74
N VAL C 107 -14.71 -14.43 -8.08
CA VAL C 107 -15.21 -13.29 -7.31
C VAL C 107 -16.41 -12.62 -7.99
N TRP C 108 -16.47 -12.70 -9.32
CA TRP C 108 -17.61 -12.19 -10.06
C TRP C 108 -18.74 -13.21 -10.05
N THR C 109 -19.37 -13.33 -8.89
CA THR C 109 -20.31 -14.41 -8.63
C THR C 109 -21.76 -14.11 -9.01
N TYR C 110 -22.51 -15.18 -9.29
CA TYR C 110 -23.93 -15.07 -9.52
C TYR C 110 -24.61 -14.42 -8.31
N GLY C 111 -25.44 -13.43 -8.59
CA GLY C 111 -26.09 -12.65 -7.53
C GLY C 111 -25.35 -11.38 -7.18
N TYR C 112 -24.12 -11.23 -7.68
CA TYR C 112 -23.34 -10.04 -7.39
C TYR C 112 -22.88 -9.36 -8.68
N ALA C 113 -21.98 -10.00 -9.42
CA ALA C 113 -21.54 -9.43 -10.70
C ALA C 113 -22.62 -9.51 -11.78
N TYR C 114 -23.49 -10.52 -11.67
CA TYR C 114 -24.56 -10.69 -12.63
C TYR C 114 -25.65 -11.55 -12.00
N PHE C 115 -26.89 -11.34 -12.44
CA PHE C 115 -27.98 -12.23 -12.08
C PHE C 115 -29.00 -12.19 -13.21
N TYR C 116 -29.88 -13.18 -13.23
CA TYR C 116 -30.92 -13.19 -14.25
C TYR C 116 -32.27 -13.21 -13.58
N GLU C 117 -33.16 -12.34 -14.04
CA GLU C 117 -34.53 -12.27 -13.55
C GLU C 117 -35.49 -11.99 -14.69
N GLU C 120 -33.91 -11.13 -18.10
CA GLU C 120 -33.00 -10.00 -18.18
C GLU C 120 -31.80 -10.15 -17.25
N ARG C 121 -30.63 -9.75 -17.74
CA ARG C 121 -29.43 -9.76 -16.92
C ARG C 121 -29.38 -8.47 -16.09
N GLY C 122 -28.99 -8.60 -14.82
CA GLY C 122 -28.82 -7.45 -13.95
C GLY C 122 -27.47 -7.53 -13.26
N THR C 123 -27.09 -6.48 -12.53
CA THR C 123 -25.86 -6.48 -11.73
C THR C 123 -26.03 -5.76 -10.40
N ARG C 124 -25.18 -6.09 -9.43
CA ARG C 124 -25.23 -5.50 -8.09
C ARG C 124 -23.90 -4.96 -7.61
N ILE C 125 -22.95 -4.81 -8.51
CA ILE C 125 -21.70 -4.17 -8.12
C ILE C 125 -21.89 -2.65 -8.08
N ASP C 126 -21.42 -2.02 -7.01
CA ASP C 126 -21.59 -0.59 -6.80
C ASP C 126 -20.22 0.10 -6.81
N ILE C 127 -19.76 0.45 -8.01
CA ILE C 127 -18.43 1.01 -8.23
C ILE C 127 -18.49 2.13 -9.28
N GLU C 128 -18.06 3.32 -8.89
CA GLU C 128 -18.13 4.50 -9.75
C GLU C 128 -17.12 4.46 -10.89
N LYS C 129 -15.95 3.92 -10.60
CA LYS C 129 -14.83 3.95 -11.55
C LYS C 129 -13.88 2.75 -11.39
N ALA C 130 -13.39 2.23 -12.51
CA ALA C 130 -12.27 1.30 -12.50
C ALA C 130 -11.12 1.83 -13.36
N VAL C 131 -9.92 1.66 -12.86
CA VAL C 131 -8.70 2.04 -13.55
C VAL C 131 -7.87 0.78 -13.84
N VAL C 132 -7.52 0.57 -15.09
CA VAL C 132 -6.66 -0.55 -15.45
C VAL C 132 -5.30 -0.03 -15.87
N LEU C 133 -4.25 -0.42 -15.15
CA LEU C 133 -2.88 -0.09 -15.53
C LEU C 133 -2.18 -1.39 -15.89
N CYS C 134 -2.08 -1.64 -17.19
CA CYS C 134 -1.54 -2.89 -17.69
C CYS C 134 -0.23 -2.62 -18.39
N SER C 135 0.84 -3.23 -17.91
CA SER C 135 2.13 -3.04 -18.57
CA SER C 135 2.16 -3.07 -18.52
C SER C 135 2.36 -4.16 -19.58
N ALA C 136 2.91 -3.78 -20.73
CA ALA C 136 3.07 -4.72 -21.82
C ALA C 136 4.47 -4.57 -22.38
N GLY C 137 5.01 -5.68 -22.87
CA GLY C 137 6.27 -5.65 -23.60
C GLY C 137 6.10 -4.94 -24.94
N HIS C 138 5.03 -5.26 -25.66
CA HIS C 138 4.78 -4.63 -26.95
C HIS C 138 4.39 -3.17 -26.79
N THR C 139 4.61 -2.38 -27.83
CA THR C 139 4.18 -0.99 -27.81
C THR C 139 2.69 -0.93 -28.01
N GLU C 140 2.08 0.21 -27.66
CA GLU C 140 0.64 0.37 -27.88
C GLU C 140 0.31 0.27 -29.36
N GLU C 141 1.16 0.85 -30.20
CA GLU C 141 1.00 0.77 -31.64
C GLU C 141 0.96 -0.69 -32.12
N ASP C 142 1.88 -1.51 -31.62
CA ASP C 142 1.93 -2.90 -32.04
C ASP C 142 0.75 -3.72 -31.50
N LEU C 143 0.31 -3.41 -30.28
CA LEU C 143 -0.88 -4.04 -29.72
C LEU C 143 -2.15 -3.68 -30.50
N GLU C 144 -2.23 -2.45 -31.03
CA GLU C 144 -3.38 -2.10 -31.86
C GLU C 144 -3.41 -2.98 -33.10
N GLY C 145 -2.25 -3.16 -33.72
CA GLY C 145 -2.16 -3.85 -34.99
C GLY C 145 -2.48 -5.33 -34.96
N THR C 146 -2.28 -5.95 -33.82
CA THR C 146 -2.58 -7.38 -33.68
C THR C 146 -3.99 -7.59 -33.16
N GLY C 147 -4.71 -6.49 -32.98
CA GLY C 147 -6.07 -6.54 -32.46
C GLY C 147 -6.13 -6.78 -30.97
N ILE C 148 -4.97 -6.81 -30.32
CA ILE C 148 -4.95 -7.08 -28.88
C ILE C 148 -5.42 -5.89 -28.02
N ALA C 149 -5.07 -4.68 -28.41
CA ALA C 149 -5.56 -3.51 -27.68
C ALA C 149 -7.09 -3.47 -27.74
N GLU C 150 -7.65 -3.76 -28.91
CA GLU C 150 -9.09 -3.86 -29.06
C GLU C 150 -9.67 -4.98 -28.18
N SER C 151 -8.99 -6.11 -28.12
CA SER C 151 -9.48 -7.23 -27.29
C SER C 151 -9.49 -6.83 -25.81
N MET C 152 -8.49 -6.07 -25.39
CA MET C 152 -8.45 -5.61 -24.00
C MET C 152 -9.61 -4.68 -23.65
N ARG C 153 -9.93 -3.79 -24.57
CA ARG C 153 -11.07 -2.89 -24.40
C ARG C 153 -12.38 -3.68 -24.37
N SER C 154 -12.46 -4.71 -25.20
CA SER C 154 -13.67 -5.51 -25.29
CA SER C 154 -13.66 -5.53 -25.31
C SER C 154 -13.85 -6.44 -24.11
N VAL C 155 -12.78 -7.10 -23.71
CA VAL C 155 -12.84 -8.12 -22.66
C VAL C 155 -12.70 -7.55 -21.27
N MET C 156 -11.65 -6.77 -21.04
CA MET C 156 -11.35 -6.29 -19.70
C MET C 156 -12.23 -5.07 -19.37
N LEU C 157 -12.13 -4.03 -20.18
CA LEU C 157 -12.92 -2.83 -19.94
C LEU C 157 -14.40 -3.11 -20.14
N GLY C 158 -14.74 -3.84 -21.21
CA GLY C 158 -16.13 -4.07 -21.53
C GLY C 158 -16.78 -5.15 -20.70
N ASP C 159 -16.46 -6.41 -21.00
CA ASP C 159 -17.15 -7.52 -20.36
C ASP C 159 -16.98 -7.56 -18.85
N ARG C 160 -15.74 -7.37 -18.39
CA ARG C 160 -15.45 -7.61 -16.97
C ARG C 160 -15.68 -6.44 -16.05
N LEU C 161 -15.86 -5.25 -16.64
CA LEU C 161 -15.97 -4.04 -15.82
C LEU C 161 -17.26 -3.27 -16.13
N LEU C 162 -17.34 -2.64 -17.31
CA LEU C 162 -18.60 -2.00 -17.69
C LEU C 162 -19.75 -3.00 -17.68
N GLY C 163 -19.45 -4.24 -18.07
CA GLY C 163 -20.47 -5.28 -18.19
C GLY C 163 -20.97 -5.83 -16.88
N VAL C 164 -20.31 -5.47 -15.78
CA VAL C 164 -20.81 -5.85 -14.46
C VAL C 164 -21.31 -4.64 -13.68
N GLY C 165 -21.39 -3.50 -14.37
CA GLY C 165 -22.02 -2.33 -13.81
C GLY C 165 -21.10 -1.22 -13.33
N VAL C 166 -19.79 -1.39 -13.48
CA VAL C 166 -18.87 -0.29 -13.18
C VAL C 166 -19.25 0.89 -14.06
N LYS C 167 -19.36 2.07 -13.47
CA LYS C 167 -19.99 3.20 -14.18
C LYS C 167 -19.07 3.87 -15.21
N ASN C 168 -17.78 3.87 -14.92
CA ASN C 168 -16.78 4.50 -15.78
C ASN C 168 -15.49 3.72 -15.72
N VAL C 169 -14.84 3.56 -16.87
CA VAL C 169 -13.56 2.86 -16.93
C VAL C 169 -12.51 3.65 -17.70
N THR C 170 -11.28 3.62 -17.19
CA THR C 170 -10.15 4.16 -17.93
C THR C 170 -9.05 3.11 -17.92
N MET C 171 -8.35 2.99 -19.03
CA MET C 171 -7.25 2.05 -19.11
C MET C 171 -6.03 2.74 -19.68
N GLU C 172 -4.88 2.49 -19.06
CA GLU C 172 -3.61 2.90 -19.63
C GLU C 172 -2.79 1.65 -19.93
N ILE C 173 -2.49 1.45 -21.19
CA ILE C 173 -1.57 0.41 -21.59
C ILE C 173 -0.16 0.99 -21.51
N LEU C 174 0.62 0.49 -20.56
CA LEU C 174 1.98 0.97 -20.34
C LEU C 174 2.92 0.08 -21.16
N GLY C 175 3.08 0.45 -22.42
CA GLY C 175 3.75 -0.39 -23.38
C GLY C 175 5.25 -0.19 -23.46
N GLY C 176 5.91 -1.08 -24.18
CA GLY C 176 7.33 -0.96 -24.45
C GLY C 176 8.23 -1.51 -23.37
N MET C 177 7.65 -2.26 -22.42
CA MET C 177 8.40 -2.76 -21.28
C MET C 177 9.03 -4.14 -21.53
N VAL C 178 9.85 -4.25 -22.57
CA VAL C 178 10.56 -5.50 -22.84
C VAL C 178 11.77 -5.58 -21.91
N PRO C 179 12.20 -6.81 -21.58
CA PRO C 179 13.37 -6.98 -20.70
C PRO C 179 14.58 -6.16 -21.16
N GLY C 180 15.21 -5.42 -20.25
CA GLY C 180 16.43 -4.71 -20.57
C GLY C 180 16.26 -3.31 -21.16
N ASP C 181 15.02 -2.93 -21.48
CA ASP C 181 14.74 -1.62 -22.06
C ASP C 181 14.01 -0.72 -21.06
N ASP C 182 14.66 0.39 -20.69
CA ASP C 182 14.13 1.32 -19.71
C ASP C 182 13.57 2.60 -20.32
N SER C 183 13.54 2.65 -21.65
CA SER C 183 13.23 3.89 -22.35
C SER C 183 11.80 4.40 -22.09
N CYS C 184 10.89 3.48 -21.80
CA CYS C 184 9.50 3.84 -21.56
C CYS C 184 9.16 3.85 -20.08
N ARG C 185 10.14 3.55 -19.24
CA ARG C 185 9.88 3.38 -17.82
C ARG C 185 9.38 4.65 -17.15
N GLU C 186 10.11 5.75 -17.28
CA GLU C 186 9.73 6.95 -16.56
C GLU C 186 8.43 7.57 -17.09
N ILE C 187 8.24 7.54 -18.40
CA ILE C 187 7.00 8.05 -18.98
C ILE C 187 5.78 7.23 -18.53
N ASN C 188 5.93 5.91 -18.49
CA ASN C 188 4.81 5.07 -18.04
C ASN C 188 4.51 5.28 -16.57
N LEU C 189 5.55 5.52 -15.77
CA LEU C 189 5.34 5.78 -14.35
C LEU C 189 4.60 7.10 -14.12
N MET C 190 4.88 8.08 -14.97
CA MET C 190 4.17 9.36 -14.90
C MET C 190 2.70 9.19 -15.21
N ARG C 191 2.39 8.36 -16.20
CA ARG C 191 1.01 8.09 -16.57
C ARG C 191 0.25 7.41 -15.44
N ALA C 192 0.93 6.47 -14.76
CA ALA C 192 0.33 5.80 -13.60
C ALA C 192 0.06 6.78 -12.46
N ARG C 193 1.02 7.66 -12.20
CA ARG C 193 0.88 8.64 -11.12
C ARG C 193 -0.29 9.58 -11.43
N ARG C 194 -0.44 9.93 -12.70
CA ARG C 194 -1.52 10.82 -13.10
C ARG C 194 -2.90 10.18 -12.98
N ALA C 195 -3.01 8.91 -13.33
CA ALA C 195 -4.24 8.16 -13.15
C ALA C 195 -4.72 8.19 -11.70
N GLY C 196 -3.78 8.20 -10.76
CA GLY C 196 -4.10 8.31 -9.35
C GLY C 196 -4.50 9.73 -8.96
N ARG C 197 -3.72 10.72 -9.38
CA ARG C 197 -4.01 12.12 -9.08
C ARG C 197 -5.37 12.52 -9.59
N ASN C 198 -5.72 12.02 -10.78
CA ASN C 198 -6.93 12.44 -11.49
C ASN C 198 -8.05 11.42 -11.38
N LEU C 199 -8.05 10.63 -10.31
CA LEU C 199 -9.08 9.61 -10.11
C LEU C 199 -10.46 10.26 -10.07
N GLU C 200 -10.50 11.44 -9.46
CA GLU C 200 -11.63 12.38 -9.43
C GLU C 200 -12.65 12.15 -8.32
N ALA D 2 -3.49 -38.15 -43.39
CA ALA D 2 -3.02 -39.34 -42.70
C ALA D 2 -3.44 -39.33 -41.23
N SER D 3 -3.07 -40.37 -40.49
CA SER D 3 -3.37 -40.41 -39.07
C SER D 3 -2.54 -39.39 -38.31
N MET D 4 -3.21 -38.56 -37.51
CA MET D 4 -2.52 -37.55 -36.73
C MET D 4 -2.70 -37.85 -35.25
N HIS D 5 -1.71 -37.47 -34.45
CA HIS D 5 -1.81 -37.57 -33.00
C HIS D 5 -2.13 -36.20 -32.41
N VAL D 6 -3.15 -36.16 -31.57
CA VAL D 6 -3.63 -34.91 -30.99
C VAL D 6 -3.40 -34.88 -29.48
N TYR D 7 -2.76 -33.82 -28.99
CA TYR D 7 -2.73 -33.58 -27.56
C TYR D 7 -3.85 -32.61 -27.22
N ILE D 8 -4.76 -33.05 -26.37
CA ILE D 8 -5.96 -32.31 -26.07
C ILE D 8 -5.91 -31.74 -24.67
N LEU D 9 -5.85 -30.41 -24.58
CA LEU D 9 -5.90 -29.74 -23.30
C LEU D 9 -7.36 -29.53 -22.93
N PHE D 10 -7.72 -30.05 -21.77
CA PHE D 10 -9.10 -29.98 -21.29
C PHE D 10 -9.12 -29.26 -19.95
N ALA D 11 -9.95 -28.22 -19.84
CA ALA D 11 -9.97 -27.39 -18.64
C ALA D 11 -11.40 -27.22 -18.10
N HIS D 12 -11.74 -28.03 -17.11
CA HIS D 12 -13.02 -27.92 -16.41
C HIS D 12 -12.93 -28.63 -15.08
N PRO D 13 -13.48 -28.03 -14.01
CA PRO D 13 -13.37 -28.71 -12.71
C PRO D 13 -14.29 -29.91 -12.52
N SER D 14 -15.33 -30.07 -13.35
CA SER D 14 -16.36 -31.08 -13.12
CA SER D 14 -16.35 -31.10 -13.11
C SER D 14 -16.07 -32.45 -13.75
N ARG D 15 -16.54 -33.51 -13.09
CA ARG D 15 -16.46 -34.86 -13.67
C ARG D 15 -17.39 -34.94 -14.85
N LYS D 16 -18.53 -34.25 -14.73
CA LYS D 16 -19.55 -34.24 -15.77
C LYS D 16 -20.00 -32.82 -16.06
N SER D 17 -19.92 -32.43 -17.33
CA SER D 17 -20.34 -31.10 -17.75
C SER D 17 -20.48 -31.16 -19.25
N PHE D 18 -20.99 -30.09 -19.85
CA PHE D 18 -21.09 -30.09 -21.29
C PHE D 18 -19.71 -30.18 -21.95
N SER D 19 -18.74 -29.50 -21.36
CA SER D 19 -17.36 -29.56 -21.86
C SER D 19 -16.86 -30.98 -21.95
N ARG D 20 -17.17 -31.79 -20.93
CA ARG D 20 -16.78 -33.20 -20.92
C ARG D 20 -17.47 -33.93 -22.08
N GLU D 21 -18.72 -33.59 -22.37
CA GLU D 21 -19.42 -34.19 -23.52
C GLU D 21 -18.80 -33.77 -24.85
N VAL D 22 -18.34 -32.52 -24.92
CA VAL D 22 -17.65 -32.03 -26.11
C VAL D 22 -16.37 -32.83 -26.32
N LEU D 23 -15.66 -33.10 -25.23
CA LEU D 23 -14.45 -33.90 -25.31
C LEU D 23 -14.77 -35.30 -25.88
N GLU D 24 -15.82 -35.93 -25.37
CA GLU D 24 -16.20 -37.25 -25.84
C GLU D 24 -16.55 -37.24 -27.32
N ALA D 25 -17.30 -36.23 -27.72
CA ALA D 25 -17.73 -36.07 -29.11
C ALA D 25 -16.54 -35.84 -30.05
N PHE D 26 -15.65 -34.94 -29.64
CA PHE D 26 -14.46 -34.65 -30.42
C PHE D 26 -13.59 -35.91 -30.58
N THR D 27 -13.34 -36.61 -29.49
CA THR D 27 -12.55 -37.84 -29.56
C THR D 27 -13.24 -38.94 -30.37
N GLU D 28 -14.57 -39.00 -30.32
CA GLU D 28 -15.32 -39.92 -31.17
C GLU D 28 -15.06 -39.61 -32.65
N GLY D 29 -15.04 -38.33 -32.98
CA GLY D 29 -14.74 -37.89 -34.34
C GLY D 29 -13.31 -38.24 -34.75
N LEU D 30 -12.34 -37.92 -33.90
CA LEU D 30 -10.95 -38.31 -34.14
C LEU D 30 -10.81 -39.81 -34.44
N SER D 31 -11.47 -40.63 -33.63
CA SER D 31 -11.39 -42.08 -33.81
C SER D 31 -12.01 -42.51 -35.14
N GLU D 32 -13.15 -41.92 -35.50
CA GLU D 32 -13.82 -42.22 -36.76
C GLU D 32 -12.85 -42.01 -37.92
N ALA D 33 -12.04 -40.96 -37.84
CA ALA D 33 -11.13 -40.60 -38.92
C ALA D 33 -9.77 -41.26 -38.78
N GLY D 34 -9.60 -42.10 -37.77
CA GLY D 34 -8.37 -42.86 -37.63
C GLY D 34 -7.24 -42.11 -36.96
N HIS D 35 -7.58 -41.06 -36.20
CA HIS D 35 -6.57 -40.32 -35.45
C HIS D 35 -6.40 -40.88 -34.03
N THR D 36 -5.29 -40.54 -33.40
CA THR D 36 -5.03 -40.92 -32.02
C THR D 36 -4.91 -39.68 -31.16
N TYR D 37 -4.89 -39.84 -29.84
CA TYR D 37 -4.88 -38.68 -28.96
C TYR D 37 -4.50 -39.01 -27.52
N GLU D 38 -4.11 -37.97 -26.80
CA GLU D 38 -3.87 -38.02 -25.36
C GLU D 38 -4.60 -36.81 -24.79
N VAL D 39 -5.16 -36.96 -23.59
CA VAL D 39 -5.86 -35.85 -22.94
C VAL D 39 -5.09 -35.35 -21.72
N GLY D 40 -4.90 -34.04 -21.65
CA GLY D 40 -4.36 -33.40 -20.46
C GLY D 40 -5.49 -32.71 -19.73
N ASP D 41 -6.05 -33.40 -18.75
CA ASP D 41 -7.16 -32.90 -17.95
C ASP D 41 -6.52 -32.10 -16.83
N LEU D 42 -6.40 -30.80 -17.05
CA LEU D 42 -5.57 -29.96 -16.18
C LEU D 42 -6.01 -29.97 -14.71
N TYR D 43 -7.32 -29.94 -14.48
CA TYR D 43 -7.82 -30.05 -13.12
C TYR D 43 -7.48 -31.41 -12.50
N ARG D 44 -7.69 -32.50 -13.24
CA ARG D 44 -7.39 -33.83 -12.70
C ARG D 44 -5.89 -34.04 -12.47
N MET D 45 -5.08 -33.35 -13.25
CA MET D 45 -3.63 -33.40 -13.13
C MET D 45 -3.13 -32.55 -11.98
N ASN D 46 -4.03 -31.76 -11.39
CA ASN D 46 -3.65 -30.78 -10.38
C ASN D 46 -2.53 -29.85 -10.89
N PHE D 47 -2.66 -29.44 -12.15
CA PHE D 47 -1.63 -28.66 -12.82
C PHE D 47 -1.52 -27.27 -12.21
N ARG D 48 -0.32 -26.88 -11.79
CA ARG D 48 -0.17 -25.58 -11.14
C ARG D 48 -0.31 -24.49 -12.19
N SER D 49 -1.25 -23.58 -11.96
CA SER D 49 -1.52 -22.58 -12.97
C SER D 49 -0.74 -21.27 -12.81
N GLU D 50 -0.18 -21.01 -11.63
CA GLU D 50 0.47 -19.72 -11.41
C GLU D 50 1.95 -19.76 -11.75
N LEU D 51 2.37 -18.89 -12.65
CA LEU D 51 3.79 -18.68 -12.91
C LEU D 51 4.42 -18.15 -11.61
N SER D 52 5.42 -18.85 -11.11
CA SER D 52 6.02 -18.54 -9.83
C SER D 52 7.08 -17.47 -10.00
N GLN D 53 7.55 -16.92 -8.90
CA GLN D 53 8.62 -15.93 -8.94
C GLN D 53 9.87 -16.50 -9.60
N GLU D 54 10.20 -17.74 -9.23
CA GLU D 54 11.35 -18.43 -9.80
C GLU D 54 11.23 -18.55 -11.33
N GLU D 55 10.07 -19.02 -11.79
CA GLU D 55 9.82 -19.17 -13.22
CA GLU D 55 9.84 -19.19 -13.23
C GLU D 55 9.81 -17.83 -13.93
N TYR D 56 9.20 -16.84 -13.29
CA TYR D 56 9.13 -15.49 -13.84
C TYR D 56 10.53 -14.93 -14.10
N LEU D 57 11.43 -15.04 -13.12
CA LEU D 57 12.78 -14.54 -13.29
C LEU D 57 13.50 -15.28 -14.43
N ARG D 58 13.27 -16.59 -14.53
CA ARG D 58 13.85 -17.36 -15.63
C ARG D 58 13.36 -16.83 -16.98
N GLU D 59 12.07 -16.59 -17.10
CA GLU D 59 11.50 -16.07 -18.34
C GLU D 59 12.05 -14.69 -18.72
N ILE D 60 12.19 -13.81 -17.73
CA ILE D 60 12.71 -12.47 -17.96
C ILE D 60 14.19 -12.47 -18.34
N SER D 61 14.93 -13.49 -17.90
CA SER D 61 16.36 -13.57 -18.22
C SER D 61 16.60 -13.85 -19.72
N GLN D 62 15.55 -14.35 -20.39
CA GLN D 62 15.61 -14.66 -21.82
C GLN D 62 16.81 -15.53 -22.18
N GLU D 63 17.02 -16.56 -21.36
CA GLU D 63 18.01 -17.60 -21.63
C GLU D 63 17.29 -18.91 -21.94
N ALA D 64 17.17 -19.21 -23.24
CA ALA D 64 16.42 -20.38 -23.71
C ALA D 64 16.98 -21.69 -23.15
N GLY D 65 18.27 -21.70 -22.85
CA GLY D 65 18.92 -22.88 -22.33
C GLY D 65 18.74 -23.13 -20.84
N SER D 66 18.06 -22.24 -20.13
CA SER D 66 17.89 -22.43 -18.68
C SER D 66 16.86 -23.53 -18.36
N PRO D 67 16.99 -24.18 -17.19
CA PRO D 67 16.13 -25.31 -16.81
C PRO D 67 14.65 -24.93 -16.76
N LEU D 68 13.79 -25.92 -16.96
CA LEU D 68 12.34 -25.74 -16.84
C LEU D 68 11.81 -26.67 -15.76
N PRO D 69 10.66 -26.32 -15.16
CA PRO D 69 10.06 -27.22 -14.17
C PRO D 69 9.69 -28.55 -14.80
N GLU D 70 9.69 -29.61 -14.02
CA GLU D 70 9.35 -30.95 -14.52
C GLU D 70 7.96 -31.06 -15.14
N ASP D 71 6.98 -30.40 -14.54
CA ASP D 71 5.63 -30.45 -15.12
C ASP D 71 5.56 -29.79 -16.48
N VAL D 72 6.32 -28.70 -16.67
CA VAL D 72 6.37 -28.02 -17.95
C VAL D 72 7.13 -28.86 -18.98
N MET D 73 8.22 -29.50 -18.54
CA MET D 73 8.96 -30.38 -19.45
C MET D 73 8.07 -31.51 -19.93
N GLU D 74 7.22 -32.03 -19.05
CA GLU D 74 6.26 -33.07 -19.42
C GLU D 74 5.27 -32.58 -20.49
N GLU D 75 4.76 -31.35 -20.34
CA GLU D 75 3.88 -30.78 -21.34
C GLU D 75 4.58 -30.64 -22.69
N HIS D 76 5.83 -30.21 -22.67
CA HIS D 76 6.58 -30.07 -23.93
C HIS D 76 6.78 -31.42 -24.62
N GLU D 77 6.97 -32.47 -23.84
CA GLU D 77 7.10 -33.81 -24.39
C GLU D 77 5.80 -34.29 -25.03
N ARG D 78 4.68 -33.98 -24.39
CA ARG D 78 3.36 -34.33 -24.93
C ARG D 78 3.09 -33.61 -26.24
N ILE D 79 3.42 -32.32 -26.28
CA ILE D 79 3.29 -31.54 -27.50
C ILE D 79 4.22 -32.08 -28.58
N GLY D 80 5.42 -32.49 -28.17
CA GLY D 80 6.39 -33.03 -29.10
C GLY D 80 5.91 -34.29 -29.83
N ARG D 81 5.07 -35.08 -29.16
CA ARG D 81 4.53 -36.31 -29.74
C ARG D 81 3.36 -36.04 -30.66
N ALA D 82 2.84 -34.82 -30.60
CA ALA D 82 1.60 -34.49 -31.30
C ALA D 82 1.84 -33.84 -32.65
N ASP D 83 0.90 -34.05 -33.57
CA ASP D 83 0.86 -33.35 -34.84
C ASP D 83 -0.14 -32.19 -34.73
N ALA D 84 -1.04 -32.28 -33.76
CA ALA D 84 -2.10 -31.31 -33.58
C ALA D 84 -2.40 -31.11 -32.10
N LEU D 85 -2.93 -29.93 -31.77
CA LEU D 85 -3.40 -29.64 -30.43
C LEU D 85 -4.90 -29.35 -30.45
N ALA D 86 -5.56 -29.61 -29.33
CA ALA D 86 -6.93 -29.15 -29.14
C ALA D 86 -7.06 -28.53 -27.77
N PHE D 87 -7.97 -27.57 -27.68
CA PHE D 87 -8.26 -26.89 -26.43
C PHE D 87 -9.77 -26.90 -26.25
N ILE D 88 -10.20 -27.55 -25.18
CA ILE D 88 -11.62 -27.69 -24.89
C ILE D 88 -11.90 -27.11 -23.51
N TYR D 89 -12.78 -26.11 -23.47
CA TYR D 89 -13.03 -25.37 -22.24
C TYR D 89 -14.30 -24.53 -22.34
N PRO D 90 -14.87 -24.14 -21.19
CA PRO D 90 -16.00 -23.22 -21.16
C PRO D 90 -15.51 -21.78 -21.17
N LEU D 91 -16.27 -20.90 -21.82
CA LEU D 91 -15.94 -19.48 -21.82
C LEU D 91 -16.32 -18.88 -20.46
N TRP D 92 -15.31 -18.37 -19.75
CA TRP D 92 -15.52 -17.72 -18.47
C TRP D 92 -14.97 -16.29 -18.54
N TRP D 93 -15.86 -15.31 -18.42
CA TRP D 93 -15.49 -13.89 -18.52
C TRP D 93 -14.65 -13.61 -19.76
N SER D 94 -15.13 -14.18 -20.87
CA SER D 94 -14.62 -13.91 -22.22
C SER D 94 -13.21 -14.41 -22.52
N ASP D 95 -12.70 -15.33 -21.71
CA ASP D 95 -11.45 -16.00 -22.03
C ASP D 95 -11.50 -17.38 -21.38
N CYS D 96 -10.44 -18.16 -21.49
CA CYS D 96 -10.50 -19.50 -20.92
CA CYS D 96 -10.37 -19.51 -20.91
C CYS D 96 -10.41 -19.45 -19.39
N PRO D 97 -10.76 -20.57 -18.73
CA PRO D 97 -10.60 -20.65 -17.27
C PRO D 97 -9.17 -20.35 -16.86
N ALA D 98 -9.00 -19.77 -15.68
CA ALA D 98 -7.68 -19.48 -15.13
C ALA D 98 -6.73 -20.67 -15.27
N LYS D 99 -7.23 -21.88 -15.05
CA LYS D 99 -6.37 -23.07 -15.12
C LYS D 99 -5.70 -23.19 -16.48
N LEU D 100 -6.46 -22.95 -17.54
CA LEU D 100 -5.90 -23.02 -18.89
C LEU D 100 -5.05 -21.79 -19.20
N LYS D 101 -5.47 -20.61 -18.74
CA LYS D 101 -4.65 -19.42 -18.92
C LYS D 101 -3.25 -19.63 -18.34
N GLY D 102 -3.20 -20.24 -17.16
CA GLY D 102 -1.92 -20.49 -16.51
C GLY D 102 -1.08 -21.52 -17.24
N TRP D 103 -1.73 -22.44 -17.93
CA TRP D 103 -1.01 -23.36 -18.81
C TRP D 103 -0.24 -22.58 -19.88
N PHE D 104 -0.88 -21.63 -20.53
CA PHE D 104 -0.16 -20.77 -21.47
C PHE D 104 0.99 -20.03 -20.78
N ASP D 105 0.71 -19.38 -19.66
CA ASP D 105 1.70 -18.60 -18.91
C ASP D 105 2.94 -19.43 -18.61
N ARG D 106 2.71 -20.68 -18.20
CA ARG D 106 3.80 -21.52 -17.70
C ARG D 106 4.45 -22.39 -18.77
N VAL D 107 3.68 -22.74 -19.80
CA VAL D 107 4.16 -23.71 -20.80
C VAL D 107 4.73 -23.06 -22.05
N TRP D 108 4.22 -21.89 -22.40
CA TRP D 108 4.76 -21.15 -23.54
C TRP D 108 6.01 -20.38 -23.13
N THR D 109 7.12 -21.11 -22.99
CA THR D 109 8.30 -20.55 -22.36
C THR D 109 9.27 -19.90 -23.33
N TYR D 110 10.09 -18.99 -22.82
CA TYR D 110 11.09 -18.33 -23.66
C TYR D 110 12.04 -19.34 -24.28
N GLY D 111 12.21 -19.25 -25.60
CA GLY D 111 13.09 -20.15 -26.31
C GLY D 111 12.33 -21.37 -26.84
N TYR D 112 11.08 -21.48 -26.45
CA TYR D 112 10.24 -22.59 -26.89
C TYR D 112 9.08 -22.06 -27.72
N ALA D 113 8.25 -21.22 -27.11
CA ALA D 113 7.11 -20.67 -27.79
C ALA D 113 7.44 -19.35 -28.50
N TYR D 114 8.46 -18.68 -28.01
CA TYR D 114 8.82 -17.36 -28.54
C TYR D 114 10.27 -17.02 -28.19
N PHE D 115 10.90 -16.20 -29.03
CA PHE D 115 12.25 -15.70 -28.80
C PHE D 115 12.65 -14.84 -29.98
N GLY D 122 10.95 -16.84 -34.23
CA GLY D 122 11.18 -18.27 -34.34
C GLY D 122 10.41 -19.04 -33.29
N THR D 123 10.47 -20.37 -33.37
CA THR D 123 9.71 -21.24 -32.47
C THR D 123 10.09 -22.73 -32.52
N ARG D 124 9.92 -23.42 -31.39
CA ARG D 124 10.28 -24.81 -31.21
C ARG D 124 9.03 -25.69 -31.23
N ILE D 125 7.88 -25.06 -31.45
CA ILE D 125 6.61 -25.79 -31.51
C ILE D 125 6.31 -26.23 -32.94
N ASP D 126 6.26 -27.55 -33.13
CA ASP D 126 6.01 -28.13 -34.45
C ASP D 126 4.61 -28.75 -34.48
N ILE D 127 3.62 -27.92 -34.78
CA ILE D 127 2.22 -28.34 -34.75
C ILE D 127 1.53 -27.87 -36.01
N GLU D 128 0.95 -28.80 -36.75
CA GLU D 128 0.27 -28.50 -38.00
C GLU D 128 -1.08 -27.82 -37.81
N LYS D 129 -1.81 -28.23 -36.76
CA LYS D 129 -3.16 -27.71 -36.57
C LYS D 129 -3.53 -27.64 -35.09
N ALA D 130 -4.25 -26.58 -34.72
CA ALA D 130 -4.89 -26.52 -33.41
C ALA D 130 -6.38 -26.26 -33.58
N VAL D 131 -7.18 -26.99 -32.81
CA VAL D 131 -8.62 -26.82 -32.78
C VAL D 131 -9.05 -26.32 -31.41
N VAL D 132 -9.78 -25.22 -31.38
CA VAL D 132 -10.33 -24.72 -30.13
C VAL D 132 -11.83 -24.97 -30.10
N LEU D 133 -12.30 -25.72 -29.10
CA LEU D 133 -13.74 -25.94 -28.95
C LEU D 133 -14.15 -25.25 -27.67
N CYS D 134 -14.78 -24.09 -27.80
CA CYS D 134 -15.14 -23.28 -26.64
C CYS D 134 -16.65 -23.22 -26.48
N SER D 135 -17.14 -23.72 -25.35
CA SER D 135 -18.57 -23.70 -25.07
C SER D 135 -18.89 -22.40 -24.35
N ALA D 136 -20.00 -21.77 -24.73
CA ALA D 136 -20.35 -20.47 -24.16
C ALA D 136 -21.83 -20.40 -23.86
N GLY D 137 -22.20 -19.59 -22.86
CA GLY D 137 -23.59 -19.36 -22.56
C GLY D 137 -24.25 -18.53 -23.64
N HIS D 138 -23.57 -17.45 -24.04
CA HIS D 138 -24.06 -16.60 -25.13
C HIS D 138 -24.04 -17.38 -26.44
N THR D 139 -24.89 -16.97 -27.38
CA THR D 139 -24.86 -17.54 -28.72
C THR D 139 -23.69 -16.97 -29.50
N GLU D 140 -23.28 -17.67 -30.55
CA GLU D 140 -22.20 -17.19 -31.40
C GLU D 140 -22.63 -15.85 -32.02
N GLU D 141 -23.90 -15.78 -32.41
CA GLU D 141 -24.48 -14.56 -32.96
C GLU D 141 -24.29 -13.39 -32.00
N ASP D 142 -24.60 -13.58 -30.73
CA ASP D 142 -24.41 -12.50 -29.77
C ASP D 142 -22.94 -12.17 -29.55
N LEU D 143 -22.09 -13.18 -29.46
CA LEU D 143 -20.66 -12.93 -29.26
C LEU D 143 -20.02 -12.27 -30.47
N GLU D 144 -20.45 -12.66 -31.68
CA GLU D 144 -19.99 -12.02 -32.91
C GLU D 144 -20.43 -10.56 -32.92
N GLY D 145 -21.66 -10.32 -32.46
CA GLY D 145 -22.21 -8.99 -32.54
C GLY D 145 -21.56 -8.00 -31.59
N THR D 146 -21.16 -8.47 -30.41
CA THR D 146 -20.63 -7.56 -29.41
C THR D 146 -19.13 -7.31 -29.55
N GLY D 147 -18.44 -8.17 -30.28
CA GLY D 147 -17.00 -8.00 -30.45
C GLY D 147 -16.19 -9.02 -29.66
N ILE D 148 -16.86 -9.79 -28.81
CA ILE D 148 -16.19 -10.79 -28.00
C ILE D 148 -15.59 -11.94 -28.83
N ALA D 149 -16.32 -12.41 -29.84
CA ALA D 149 -15.82 -13.47 -30.70
C ALA D 149 -14.55 -13.03 -31.42
N GLU D 150 -14.53 -11.79 -31.90
CA GLU D 150 -13.36 -11.25 -32.57
C GLU D 150 -12.18 -11.19 -31.61
N SER D 151 -12.45 -10.81 -30.36
CA SER D 151 -11.40 -10.72 -29.37
CA SER D 151 -11.42 -10.72 -29.36
C SER D 151 -10.83 -12.10 -29.07
N MET D 152 -11.71 -13.09 -28.95
CA MET D 152 -11.28 -14.46 -28.68
C MET D 152 -10.39 -14.97 -29.81
N ARG D 153 -10.73 -14.60 -31.05
CA ARG D 153 -9.91 -14.98 -32.20
C ARG D 153 -8.53 -14.33 -32.16
N SER D 154 -8.49 -13.04 -31.86
CA SER D 154 -7.21 -12.33 -31.80
C SER D 154 -6.30 -12.89 -30.71
N VAL D 155 -6.89 -13.21 -29.56
CA VAL D 155 -6.14 -13.66 -28.40
C VAL D 155 -5.75 -15.14 -28.49
N MET D 156 -6.74 -16.00 -28.66
CA MET D 156 -6.52 -17.45 -28.66
C MET D 156 -5.91 -17.94 -29.98
N LEU D 157 -6.56 -17.64 -31.10
CA LEU D 157 -6.06 -18.05 -32.41
C LEU D 157 -4.82 -17.28 -32.85
N GLY D 158 -4.86 -15.97 -32.72
CA GLY D 158 -3.78 -15.12 -33.20
C GLY D 158 -2.54 -15.13 -32.32
N ASP D 159 -2.67 -14.67 -31.09
CA ASP D 159 -1.50 -14.59 -30.21
C ASP D 159 -1.01 -15.92 -29.66
N ARG D 160 -1.92 -16.71 -29.11
CA ARG D 160 -1.52 -17.90 -28.36
C ARG D 160 -1.23 -19.13 -29.23
N LEU D 161 -1.65 -19.11 -30.49
CA LEU D 161 -1.49 -20.30 -31.33
C LEU D 161 -0.73 -20.03 -32.60
N LEU D 162 -1.33 -19.29 -33.54
CA LEU D 162 -0.60 -18.85 -34.71
C LEU D 162 0.68 -18.08 -34.33
N GLY D 163 0.58 -17.26 -33.28
CA GLY D 163 1.69 -16.43 -32.84
C GLY D 163 2.88 -17.17 -32.25
N VAL D 164 2.69 -18.45 -31.91
CA VAL D 164 3.79 -19.27 -31.43
C VAL D 164 4.20 -20.34 -32.45
N GLY D 165 3.59 -20.30 -33.63
CA GLY D 165 4.06 -21.14 -34.72
C GLY D 165 3.14 -22.27 -35.16
N VAL D 166 2.00 -22.44 -34.49
CA VAL D 166 1.01 -23.40 -34.97
C VAL D 166 0.61 -23.00 -36.39
N LYS D 167 0.63 -23.97 -37.31
CA LYS D 167 0.53 -23.65 -38.73
C LYS D 167 -0.88 -23.30 -39.19
N ASN D 168 -1.87 -23.95 -38.59
CA ASN D 168 -3.27 -23.73 -38.95
C ASN D 168 -4.14 -23.82 -37.75
N VAL D 169 -5.15 -22.95 -37.66
CA VAL D 169 -6.01 -22.96 -36.48
C VAL D 169 -7.48 -22.85 -36.86
N THR D 170 -8.34 -23.44 -36.04
CA THR D 170 -9.79 -23.27 -36.18
C THR D 170 -10.40 -23.12 -34.80
N MET D 171 -11.43 -22.29 -34.69
CA MET D 171 -12.17 -22.19 -33.45
C MET D 171 -13.65 -22.43 -33.68
N GLU D 172 -14.24 -23.29 -32.86
CA GLU D 172 -15.67 -23.48 -32.84
C GLU D 172 -16.22 -22.87 -31.56
N ILE D 173 -17.06 -21.85 -31.68
CA ILE D 173 -17.79 -21.32 -30.55
C ILE D 173 -19.11 -22.07 -30.43
N LEU D 174 -19.19 -22.94 -29.42
CA LEU D 174 -20.36 -23.78 -29.16
C LEU D 174 -21.26 -23.07 -28.16
N GLY D 175 -22.09 -22.15 -28.68
CA GLY D 175 -22.82 -21.25 -27.83
C GLY D 175 -24.25 -21.66 -27.48
N GLY D 176 -24.90 -20.82 -26.69
CA GLY D 176 -26.27 -21.06 -26.28
C GLY D 176 -26.39 -21.98 -25.08
N MET D 177 -25.27 -22.27 -24.42
CA MET D 177 -25.26 -23.26 -23.34
C MET D 177 -25.54 -22.59 -21.99
N VAL D 178 -26.75 -22.05 -21.84
CA VAL D 178 -27.15 -21.44 -20.57
C VAL D 178 -27.73 -22.50 -19.63
N PRO D 179 -27.64 -22.25 -18.31
CA PRO D 179 -28.17 -23.21 -17.34
C PRO D 179 -29.64 -23.54 -17.58
N GLY D 180 -29.97 -24.84 -17.61
CA GLY D 180 -31.34 -25.29 -17.76
C GLY D 180 -31.80 -25.50 -19.20
N ASP D 181 -31.03 -24.98 -20.15
CA ASP D 181 -31.41 -25.03 -21.56
C ASP D 181 -30.50 -25.98 -22.36
N ASP D 182 -31.09 -27.04 -22.92
CA ASP D 182 -30.31 -27.99 -23.71
C ASP D 182 -30.61 -27.89 -25.21
N SER D 183 -31.25 -26.81 -25.64
CA SER D 183 -31.70 -26.70 -27.03
C SER D 183 -30.56 -26.67 -28.06
N CYS D 184 -29.36 -26.31 -27.63
CA CYS D 184 -28.20 -26.24 -28.52
C CYS D 184 -27.25 -27.40 -28.33
N ARG D 185 -27.58 -28.26 -27.36
CA ARG D 185 -26.72 -29.38 -27.01
C ARG D 185 -26.36 -30.31 -28.17
N GLU D 186 -27.36 -30.82 -28.87
CA GLU D 186 -27.12 -31.82 -29.90
C GLU D 186 -26.35 -31.27 -31.11
N ILE D 187 -26.72 -30.09 -31.58
CA ILE D 187 -26.02 -29.51 -32.72
C ILE D 187 -24.57 -29.15 -32.34
N ASN D 188 -24.34 -28.68 -31.11
CA ASN D 188 -22.98 -28.39 -30.71
C ASN D 188 -22.12 -29.65 -30.64
N LEU D 189 -22.71 -30.74 -30.16
CA LEU D 189 -21.97 -31.99 -30.11
C LEU D 189 -21.65 -32.50 -31.52
N MET D 190 -22.59 -32.30 -32.45
CA MET D 190 -22.36 -32.66 -33.83
C MET D 190 -21.20 -31.88 -34.42
N ARG D 191 -21.13 -30.59 -34.10
CA ARG D 191 -20.01 -29.75 -34.55
C ARG D 191 -18.69 -30.21 -33.95
N ALA D 192 -18.68 -30.57 -32.67
CA ALA D 192 -17.48 -31.06 -32.03
C ALA D 192 -16.99 -32.35 -32.70
N ARG D 193 -17.93 -33.23 -33.01
CA ARG D 193 -17.60 -34.51 -33.64
C ARG D 193 -17.00 -34.29 -35.02
N ARG D 194 -17.58 -33.34 -35.76
CA ARG D 194 -17.14 -33.00 -37.11
C ARG D 194 -15.73 -32.44 -37.07
N ALA D 195 -15.42 -31.65 -36.05
CA ALA D 195 -14.10 -31.07 -35.93
C ALA D 195 -13.03 -32.15 -35.75
N GLY D 196 -13.40 -33.25 -35.12
CA GLY D 196 -12.50 -34.38 -34.97
C GLY D 196 -12.38 -35.15 -36.26
N ARG D 197 -13.53 -35.40 -36.88
CA ARG D 197 -13.60 -36.14 -38.13
C ARG D 197 -12.85 -35.44 -39.24
N ASN D 198 -12.87 -34.10 -39.22
CA ASN D 198 -12.28 -33.30 -40.26
C ASN D 198 -10.92 -32.69 -39.92
N LEU D 199 -10.22 -33.27 -38.95
CA LEU D 199 -8.95 -32.73 -38.49
C LEU D 199 -7.92 -32.53 -39.61
N GLU D 200 -7.87 -33.46 -40.55
CA GLU D 200 -6.86 -33.41 -41.60
C GLU D 200 -7.18 -32.40 -42.71
N HIS D 201 -8.40 -31.86 -42.71
CA HIS D 201 -8.76 -30.85 -43.71
C HIS D 201 -7.84 -29.64 -43.56
N HIS D 202 -7.33 -29.17 -44.68
CA HIS D 202 -6.34 -28.10 -44.70
C HIS D 202 -6.48 -27.35 -46.00
N HIS D 203 -5.78 -26.23 -46.13
CA HIS D 203 -5.79 -25.47 -47.39
C HIS D 203 -4.51 -25.73 -48.16
N HIS D 204 -4.60 -25.68 -49.48
CA HIS D 204 -3.44 -25.86 -50.35
C HIS D 204 -3.52 -24.84 -51.49
N HIS D 205 -2.41 -24.59 -52.16
CA HIS D 205 -2.41 -23.70 -53.31
C HIS D 205 -3.32 -24.30 -54.38
N HIS D 206 -3.86 -23.45 -55.25
CA HIS D 206 -4.81 -23.92 -56.25
C HIS D 206 -4.12 -24.68 -57.38
N1 FMN E . -1.69 18.48 29.00
C2 FMN E . -0.96 17.46 29.57
O2 FMN E . -0.72 17.48 30.77
N3 FMN E . -0.48 16.42 28.81
C4 FMN E . -0.72 16.39 27.44
O4 FMN E . -0.28 15.46 26.78
C4A FMN E . -1.47 17.41 26.86
N5 FMN E . -1.75 17.40 25.50
C5A FMN E . -2.48 18.42 24.93
C6 FMN E . -2.73 18.41 23.56
C7 FMN E . -3.47 19.44 22.98
C7M FMN E . -3.73 19.44 21.50
C8 FMN E . -3.95 20.49 23.77
C8M FMN E . -4.75 21.59 23.15
C9 FMN E . -3.69 20.49 25.14
C9A FMN E . -2.95 19.46 25.72
N10 FMN E . -2.69 19.46 27.08
C10 FMN E . -1.95 18.45 27.64
C1' FMN E . -3.16 20.58 27.96
C2' FMN E . -2.20 21.75 27.67
O2' FMN E . -0.88 21.47 28.11
C3' FMN E . -2.74 23.05 28.21
O3' FMN E . -3.85 23.40 27.39
C4' FMN E . -1.70 24.15 28.15
O4' FMN E . -0.64 23.90 29.06
C5' FMN E . -2.29 25.51 28.46
O5' FMN E . -1.32 26.46 28.09
P FMN E . -1.63 27.43 26.86
O1P FMN E . -2.78 28.34 27.26
O2P FMN E . -0.41 28.27 26.56
O3P FMN E . -2.04 26.60 25.68
N1 FMN F . 18.46 7.93 15.58
C2 FMN F . 18.32 7.67 16.93
O2 FMN F . 18.59 6.56 17.38
N3 FMN F . 17.88 8.65 17.78
C4 FMN F . 17.58 9.91 17.32
O4 FMN F . 17.19 10.77 18.10
C4A FMN F . 17.71 10.20 15.97
N5 FMN F . 17.41 11.46 15.48
C5A FMN F . 17.53 11.72 14.13
C6 FMN F . 17.21 12.97 13.63
C7 FMN F . 17.34 13.24 12.27
C7M FMN F . 16.99 14.59 11.74
C8 FMN F . 17.78 12.24 11.40
C8M FMN F . 17.91 12.54 9.94
C9 FMN F . 18.09 10.99 11.91
C9A FMN F . 17.97 10.71 13.26
N10 FMN F . 18.29 9.47 13.77
C10 FMN F . 18.15 9.19 15.10
C1' FMN F . 18.71 8.34 12.86
C2' FMN F . 17.41 7.84 12.21
O2' FMN F . 16.52 7.23 13.13
C3' FMN F . 17.74 6.88 11.08
O3' FMN F . 18.42 7.62 10.08
C4' FMN F . 16.46 6.30 10.50
O4' FMN F . 15.92 5.33 11.37
C5' FMN F . 16.73 5.67 9.15
O5' FMN F . 15.49 5.46 8.52
P FMN F . 15.26 6.09 7.07
O1P FMN F . 16.24 5.47 6.09
O2P FMN F . 13.83 5.79 6.68
O3P FMN F . 15.50 7.57 7.11
N1 FMN G . 3.94 -8.49 -23.52
C2 FMN G . 3.01 -8.19 -24.50
O2 FMN G . 3.03 -7.10 -25.04
N3 FMN G . 2.07 -9.14 -24.87
C4 FMN G . 2.03 -10.38 -24.27
O4 FMN G . 1.18 -11.22 -24.59
C4A FMN G . 2.96 -10.68 -23.28
N5 FMN G . 2.96 -11.92 -22.68
C5A FMN G . 3.86 -12.21 -21.68
C6 FMN G . 3.83 -13.46 -21.06
C7 FMN G . 4.75 -13.75 -20.05
C7M FMN G . 4.71 -15.10 -19.38
C8 FMN G . 5.71 -12.82 -19.68
C8M FMN G . 6.71 -13.12 -18.59
C9 FMN G . 5.74 -11.58 -20.31
C9A FMN G . 4.82 -11.27 -21.31
N10 FMN G . 4.85 -10.03 -21.94
C10 FMN G . 3.92 -9.73 -22.92
C1' FMN G . 5.84 -9.00 -21.51
C2' FMN G . 5.25 -8.38 -20.23
O2' FMN G . 4.03 -7.70 -20.49
C3' FMN G . 6.29 -7.50 -19.56
O3' FMN G . 7.35 -8.35 -19.18
C4' FMN G . 5.74 -6.82 -18.32
O4' FMN G . 4.78 -5.84 -18.65
C5' FMN G . 6.84 -6.14 -17.52
O5' FMN G . 6.33 -5.79 -16.26
P FMN G . 6.91 -6.51 -14.95
O1P FMN G . 8.34 -6.05 -14.79
O2P FMN G . 6.05 -6.08 -13.79
O3P FMN G . 6.84 -8.01 -15.12
N1 FMN H . -20.77 -17.52 -21.09
C2 FMN H . -20.50 -16.55 -22.04
O2 FMN H . -21.09 -16.60 -23.12
N3 FMN H . -19.58 -15.54 -21.80
C4 FMN H . -18.93 -15.48 -20.58
O4 FMN H . -18.11 -14.58 -20.37
C4A FMN H . -19.20 -16.45 -19.62
N5 FMN H . -18.58 -16.41 -18.39
C5A FMN H . -18.82 -17.39 -17.45
C6 FMN H . -18.17 -17.36 -16.22
C7 FMN H . -18.42 -18.34 -15.27
C7M FMN H . -17.69 -18.31 -13.96
C8 FMN H . -19.34 -19.35 -15.52
C8M FMN H . -19.63 -20.41 -14.49
C9 FMN H . -20.01 -19.36 -16.74
C9A FMN H . -19.75 -18.40 -17.72
N10 FMN H . -20.40 -18.42 -18.94
C10 FMN H . -20.12 -17.47 -19.88
C1' FMN H . -21.36 -19.50 -19.30
C2' FMN H . -20.49 -20.71 -19.64
O2' FMN H . -19.67 -20.49 -20.78
C3' FMN H . -21.33 -21.96 -19.74
O3' FMN H . -21.77 -22.23 -18.43
C4' FMN H . -20.52 -23.13 -20.26
O4' FMN H . -20.28 -23.01 -21.64
C5' FMN H . -21.26 -24.42 -20.04
O5' FMN H . -20.35 -25.47 -20.31
P FMN H . -20.02 -26.50 -19.13
O1P FMN H . -21.28 -27.28 -18.83
O2P FMN H . -18.87 -27.38 -19.55
O3P FMN H . -19.62 -25.70 -17.91
#